data_9NTI
#
_entry.id   9NTI
#
_cell.length_a   69.444
_cell.length_b   109.268
_cell.length_c   173.275
_cell.angle_alpha   90.000
_cell.angle_beta   90.000
_cell.angle_gamma   90.000
#
_symmetry.space_group_name_H-M   'P 21 21 21'
#
loop_
_entity.id
_entity.type
_entity.pdbx_description
1 polymer 'Adenosine deaminase AGSA,Adenosine deaminase AGSA,Chimeric adenosine deaminase growth factor'
2 non-polymer 2-acetamido-2-deoxy-beta-D-glucopyranose
3 non-polymer 'ZINC ION'
4 water water
#
_entity_poly.entity_id   1
_entity_poly.type   'polypeptide(L)'
_entity_poly.pdbx_seq_one_letter_code
;MSSFSTHNFVAIATFVCWFCCLATAAPLTSKAAYLLKRNSLIEEDASRKLGAKIVLTNEEKVLDDFILAEKRKLIDDSRL
NQTEYMPAASFYRSKDFIDTTFAYKIIQDMPKGGALHLHDTASARIDWIVSNATYRDHVYMCMDQDNFVRLTVSGTGPPA
NSGCEWKLVETERANSGDIAAFDHWLKSNISLLTTDPLVTYPSLDKVWGRFDKHFSQLRGIIYHTPIRRDYYRQILEEFR
SDNVQYVEVRSSLSGFFELDGTVHDAEFGLNLYKSVTEEFQREYPDFIGAKIILSGLRFKSQEEILNEVKIAMDLHKKYP
DFFLGYDLVGQEDPNFSLLHYLDALLYPSIQNPPYRLPYFFHAAETNWQETEVDYNLADALLLNTTRVGHGFALIKHPRF
TELAKENGVAVEVNPISNQILGLVRDVRNHALVPLIADDYPIVISSDDPGAWEASPLSHDFYVALMDLCGRDTALTFLKQ
LALNSIRYSAMSDTEKVAAKAKWTTQWDKFVKTSVEGLKPHINDRSHHHHHHHHHH
;
_entity_poly.pdbx_strand_id   A,B
#
loop_
_chem_comp.id
_chem_comp.type
_chem_comp.name
_chem_comp.formula
NAG D-saccharide, beta linking 2-acetamido-2-deoxy-beta-D-glucopyranose 'C8 H15 N O6'
ZN non-polymer 'ZINC ION' 'Zn 2'
#
# COMPACT_ATOMS: atom_id res chain seq x y z
N THR A 29 -4.76 -39.87 13.40
CA THR A 29 -3.97 -38.92 14.16
C THR A 29 -4.50 -37.50 13.98
N SER A 30 -4.68 -36.79 15.10
CA SER A 30 -5.16 -35.42 15.03
C SER A 30 -4.18 -34.51 14.31
N LYS A 31 -2.87 -34.70 14.55
CA LYS A 31 -1.87 -33.93 13.83
C LYS A 31 -1.87 -34.27 12.35
N ALA A 32 -1.98 -35.56 12.01
CA ALA A 32 -1.99 -35.95 10.60
C ALA A 32 -3.20 -35.41 9.87
N ALA A 33 -4.39 -35.48 10.50
CA ALA A 33 -5.59 -34.94 9.86
C ALA A 33 -5.49 -33.44 9.69
N TYR A 34 -4.95 -32.74 10.68
CA TYR A 34 -4.78 -31.29 10.59
C TYR A 34 -3.86 -30.93 9.43
N LEU A 35 -2.73 -31.64 9.30
CA LEU A 35 -1.77 -31.31 8.25
C LEU A 35 -2.33 -31.59 6.87
N LEU A 36 -3.20 -32.59 6.73
CA LEU A 36 -3.85 -32.82 5.44
C LEU A 36 -4.81 -31.69 5.10
N LYS A 37 -5.65 -31.29 6.06
CA LYS A 37 -6.58 -30.19 5.84
C LYS A 37 -5.84 -28.88 5.60
N ARG A 38 -4.68 -28.71 6.24
CA ARG A 38 -3.89 -27.49 6.04
C ARG A 38 -3.30 -27.45 4.63
N ASN A 39 -2.72 -28.56 4.19
CA ASN A 39 -2.11 -28.59 2.86
C ASN A 39 -3.15 -28.42 1.77
N SER A 40 -4.34 -29.00 1.97
CA SER A 40 -5.43 -28.76 1.03
C SER A 40 -5.82 -27.28 1.01
N LEU A 41 -5.86 -26.64 2.18
CA LEU A 41 -6.26 -25.25 2.25
C LEU A 41 -5.26 -24.33 1.55
N ILE A 42 -3.97 -24.51 1.83
CA ILE A 42 -2.94 -23.66 1.23
C ILE A 42 -2.88 -23.89 -0.28
N GLU A 43 -2.87 -25.16 -0.69
CA GLU A 43 -2.80 -25.48 -2.12
C GLU A 43 -4.06 -25.07 -2.86
N GLU A 44 -5.20 -24.95 -2.16
CA GLU A 44 -6.40 -24.43 -2.79
C GLU A 44 -6.34 -22.91 -2.95
N ASP A 45 -5.66 -22.23 -2.03
CA ASP A 45 -5.47 -20.79 -2.17
C ASP A 45 -4.47 -20.48 -3.28
N ALA A 46 -3.34 -21.20 -3.30
CA ALA A 46 -2.31 -20.94 -4.29
C ALA A 46 -2.71 -21.42 -5.68
N SER A 47 -3.73 -22.27 -5.79
CA SER A 47 -4.19 -22.73 -7.09
C SER A 47 -4.98 -21.68 -7.85
N ARG A 48 -5.30 -20.56 -7.21
CA ARG A 48 -6.11 -19.50 -7.82
C ARG A 48 -5.28 -18.30 -8.26
N LYS A 49 -3.96 -18.38 -8.20
CA LYS A 49 -3.11 -17.25 -8.53
C LYS A 49 -2.86 -17.19 -10.03
N LEU A 50 -2.14 -16.17 -10.47
CA LEU A 50 -1.85 -15.98 -11.88
C LEU A 50 -0.73 -16.92 -12.31
N GLY A 51 -0.97 -17.67 -13.37
CA GLY A 51 -0.03 -18.68 -13.82
C GLY A 51 -0.17 -20.02 -13.14
N ALA A 52 -1.21 -20.21 -12.31
CA ALA A 52 -1.43 -21.47 -11.62
C ALA A 52 -1.76 -22.62 -12.56
N LYS A 53 -2.10 -22.33 -13.82
CA LYS A 53 -2.39 -23.36 -14.80
C LYS A 53 -1.30 -23.53 -15.84
N ILE A 54 -0.22 -22.75 -15.76
CA ILE A 54 0.95 -23.00 -16.59
C ILE A 54 1.63 -24.28 -16.11
N VAL A 55 1.77 -25.24 -17.01
CA VAL A 55 2.49 -26.48 -16.72
C VAL A 55 3.84 -26.39 -17.42
N LEU A 56 4.91 -26.44 -16.65
CA LEU A 56 6.26 -26.24 -17.18
C LEU A 56 6.90 -27.57 -17.55
N THR A 57 7.63 -27.57 -18.65
CA THR A 57 8.49 -28.70 -18.98
C THR A 57 9.64 -28.76 -17.98
N ASN A 58 10.27 -29.94 -17.91
CA ASN A 58 11.40 -30.11 -16.99
C ASN A 58 12.52 -29.12 -17.30
N GLU A 59 12.70 -28.76 -18.57
CA GLU A 59 13.68 -27.75 -18.93
C GLU A 59 13.31 -26.40 -18.34
N GLU A 60 12.03 -26.02 -18.43
CA GLU A 60 11.59 -24.75 -17.86
C GLU A 60 11.68 -24.74 -16.35
N LYS A 61 11.51 -25.91 -15.71
CA LYS A 61 11.68 -26.01 -14.27
C LYS A 61 13.12 -25.77 -13.84
N VAL A 62 14.09 -25.99 -14.73
CA VAL A 62 15.49 -25.70 -14.41
C VAL A 62 15.68 -24.19 -14.24
N LEU A 63 15.15 -23.40 -15.17
CA LEU A 63 15.19 -21.95 -15.02
C LEU A 63 14.39 -21.49 -13.82
N ASP A 64 13.23 -22.11 -13.59
CA ASP A 64 12.38 -21.70 -12.47
C ASP A 64 13.10 -21.88 -11.13
N ASP A 65 13.86 -22.97 -10.99
CA ASP A 65 14.58 -23.20 -9.74
C ASP A 65 15.82 -22.33 -9.61
N PHE A 66 16.38 -21.83 -10.72
CA PHE A 66 17.47 -20.87 -10.63
C PHE A 66 16.97 -19.52 -10.15
N ILE A 67 15.79 -19.11 -10.60
CA ILE A 67 15.22 -17.83 -10.17
C ILE A 67 14.70 -17.94 -8.74
N LEU A 68 13.92 -18.98 -8.45
CA LEU A 68 13.39 -19.15 -7.10
C LEU A 68 14.49 -19.19 -6.06
N ALA A 69 15.67 -19.68 -6.43
CA ALA A 69 16.78 -19.75 -5.48
C ALA A 69 17.21 -18.35 -5.04
N GLU A 70 17.47 -17.45 -5.99
CA GLU A 70 17.91 -16.11 -5.63
C GLU A 70 16.76 -15.31 -5.03
N LYS A 71 15.55 -15.52 -5.50
CA LYS A 71 14.38 -14.87 -4.90
C LYS A 71 14.24 -15.24 -3.43
N ARG A 72 14.32 -16.53 -3.12
CA ARG A 72 14.19 -16.98 -1.74
C ARG A 72 15.41 -16.59 -0.90
N LYS A 73 16.58 -16.49 -1.52
CA LYS A 73 17.77 -16.06 -0.80
C LYS A 73 17.62 -14.62 -0.31
N LEU A 74 17.12 -13.73 -1.17
CA LEU A 74 16.94 -12.34 -0.77
C LEU A 74 15.73 -12.16 0.14
N ILE A 75 14.66 -12.93 -0.09
CA ILE A 75 13.48 -12.83 0.77
C ILE A 75 13.79 -13.26 2.19
N ASP A 76 14.49 -14.40 2.34
CA ASP A 76 14.66 -15.02 3.64
C ASP A 76 15.86 -14.49 4.41
N ASP A 77 16.96 -14.17 3.73
CA ASP A 77 18.10 -13.57 4.40
C ASP A 77 17.96 -12.06 4.56
N SER A 78 16.82 -11.50 4.14
CA SER A 78 16.43 -10.16 4.58
C SER A 78 15.34 -10.20 5.63
N ARG A 79 14.50 -11.25 5.65
CA ARG A 79 13.47 -11.38 6.67
C ARG A 79 14.08 -11.74 8.02
N LEU A 80 15.06 -12.65 8.04
CA LEU A 80 15.63 -13.15 9.28
C LEU A 80 16.91 -12.44 9.68
N ASN A 81 17.82 -12.18 8.73
CA ASN A 81 18.98 -11.35 9.05
C ASN A 81 18.60 -9.89 9.26
N GLN A 82 17.33 -9.54 9.09
CA GLN A 82 16.79 -8.21 9.42
C GLN A 82 17.57 -7.09 8.74
N THR A 83 17.52 -7.09 7.41
CA THR A 83 18.13 -6.06 6.59
C THR A 83 17.09 -5.55 5.61
N GLU A 84 17.48 -4.62 4.74
CA GLU A 84 16.55 -4.08 3.76
C GLU A 84 16.46 -5.00 2.55
N TYR A 85 15.25 -5.17 2.04
CA TYR A 85 14.97 -5.96 0.84
C TYR A 85 15.08 -5.01 -0.35
N MET A 86 16.29 -4.87 -0.87
CA MET A 86 16.65 -3.93 -1.94
C MET A 86 15.74 -3.94 -3.16
N PRO A 87 15.19 -5.08 -3.59
CA PRO A 87 14.27 -5.05 -4.74
C PRO A 87 13.08 -4.11 -4.58
N ALA A 88 12.68 -3.78 -3.35
CA ALA A 88 11.52 -2.92 -3.12
C ALA A 88 11.90 -1.48 -2.77
N ALA A 89 13.16 -1.10 -2.93
CA ALA A 89 13.60 0.24 -2.60
C ALA A 89 13.34 1.19 -3.77
N SER A 90 13.73 2.45 -3.58
CA SER A 90 13.67 3.42 -4.66
C SER A 90 14.53 2.96 -5.83
N PHE A 91 14.04 3.20 -7.05
CA PHE A 91 14.77 2.74 -8.22
C PHE A 91 16.13 3.42 -8.37
N TYR A 92 16.33 4.56 -7.72
CA TYR A 92 17.66 5.15 -7.68
C TYR A 92 18.64 4.24 -6.94
N ARG A 93 18.19 3.63 -5.85
CA ARG A 93 19.04 2.77 -5.04
C ARG A 93 19.04 1.31 -5.50
N SER A 94 17.93 0.83 -6.06
CA SER A 94 17.84 -0.57 -6.44
C SER A 94 18.45 -0.86 -7.80
N LYS A 95 18.59 0.15 -8.66
CA LYS A 95 19.04 -0.09 -10.03
C LYS A 95 20.44 -0.71 -10.06
N ASP A 96 21.39 -0.13 -9.32
CA ASP A 96 22.74 -0.67 -9.31
C ASP A 96 22.77 -2.09 -8.75
N PHE A 97 21.97 -2.36 -7.72
CA PHE A 97 21.88 -3.73 -7.20
C PHE A 97 21.26 -4.66 -8.23
N ILE A 98 20.15 -4.26 -8.83
CA ILE A 98 19.44 -5.10 -9.79
C ILE A 98 20.32 -5.41 -10.99
N ASP A 99 21.18 -4.47 -11.38
CA ASP A 99 22.08 -4.68 -12.50
C ASP A 99 23.24 -5.60 -12.17
N THR A 100 23.28 -6.17 -10.95
CA THR A 100 24.30 -7.13 -10.58
C THR A 100 23.69 -8.43 -10.04
N THR A 101 22.44 -8.71 -10.38
CA THR A 101 21.78 -9.94 -9.95
C THR A 101 21.72 -10.92 -11.11
N PHE A 102 21.96 -12.20 -10.82
CA PHE A 102 21.98 -13.22 -11.86
C PHE A 102 20.62 -13.45 -12.49
N ALA A 103 19.54 -13.09 -11.79
CA ALA A 103 18.20 -13.28 -12.35
C ALA A 103 17.83 -12.18 -13.34
N TYR A 104 18.34 -10.95 -13.14
CA TYR A 104 18.02 -9.88 -14.06
C TYR A 104 18.56 -10.15 -15.46
N LYS A 105 19.69 -10.85 -15.55
CA LYS A 105 20.19 -11.25 -16.87
C LYS A 105 19.29 -12.28 -17.52
N ILE A 106 18.70 -13.18 -16.73
CA ILE A 106 17.73 -14.12 -17.29
C ILE A 106 16.54 -13.37 -17.87
N ILE A 107 16.04 -12.38 -17.14
CA ILE A 107 14.91 -11.58 -17.62
C ILE A 107 15.33 -10.73 -18.81
N GLN A 108 16.55 -10.19 -18.76
CA GLN A 108 17.08 -9.45 -19.91
C GLN A 108 17.02 -10.27 -21.19
N ASP A 109 17.25 -11.57 -21.06
CA ASP A 109 17.27 -12.50 -22.20
C ASP A 109 15.92 -13.14 -22.46
N MET A 110 14.89 -12.73 -21.73
CA MET A 110 13.61 -13.42 -21.87
C MET A 110 12.74 -12.73 -22.90
N PRO A 111 12.13 -13.46 -23.83
CA PRO A 111 11.11 -12.84 -24.69
C PRO A 111 9.86 -12.54 -23.89
N LYS A 112 9.65 -11.27 -23.59
CA LYS A 112 8.61 -10.87 -22.64
C LYS A 112 7.25 -10.67 -23.30
N GLY A 113 7.14 -10.88 -24.59
CA GLY A 113 5.88 -10.67 -25.29
C GLY A 113 5.77 -9.23 -25.79
N GLY A 114 4.80 -8.51 -25.27
CA GLY A 114 4.54 -7.15 -25.72
C GLY A 114 4.47 -6.16 -24.57
N ALA A 115 4.96 -4.96 -24.82
CA ALA A 115 4.81 -3.82 -23.92
C ALA A 115 3.64 -2.98 -24.40
N LEU A 116 2.55 -2.98 -23.65
CA LEU A 116 1.27 -2.44 -24.13
C LEU A 116 0.94 -1.06 -23.59
N HIS A 117 1.85 -0.41 -22.85
CA HIS A 117 1.60 0.91 -22.27
C HIS A 117 2.90 1.71 -22.41
N LEU A 118 3.00 2.51 -23.47
CA LEU A 118 4.20 3.30 -23.68
C LEU A 118 3.82 4.71 -24.13
N HIS A 119 4.70 5.66 -23.82
CA HIS A 119 4.58 7.03 -24.29
C HIS A 119 5.79 7.35 -25.14
N ASP A 120 5.55 7.86 -26.35
CA ASP A 120 6.58 7.89 -27.38
C ASP A 120 7.79 8.74 -26.99
N THR A 121 7.56 9.91 -26.41
CA THR A 121 8.65 10.87 -26.17
C THR A 121 9.52 10.49 -24.98
N ALA A 122 9.30 9.33 -24.36
CA ALA A 122 10.14 8.91 -23.25
C ALA A 122 10.39 7.40 -23.26
N SER A 123 10.31 6.77 -24.44
CA SER A 123 10.52 5.34 -24.55
C SER A 123 11.90 4.99 -25.12
N ALA A 124 12.79 5.97 -25.22
CA ALA A 124 14.16 5.73 -25.66
C ALA A 124 15.10 6.54 -24.78
N ARG A 125 16.39 6.28 -24.93
CA ARG A 125 17.37 6.71 -23.94
C ARG A 125 17.85 8.13 -24.17
N ILE A 126 18.13 8.83 -23.05
CA ILE A 126 18.59 10.20 -23.09
C ILE A 126 19.96 10.30 -23.73
N ASP A 127 20.79 9.27 -23.59
CA ASP A 127 22.14 9.32 -24.14
C ASP A 127 22.15 9.50 -25.65
N TRP A 128 21.12 9.00 -26.34
CA TRP A 128 21.02 9.23 -27.79
C TRP A 128 20.77 10.70 -28.09
N ILE A 129 19.97 11.37 -27.26
CA ILE A 129 19.69 12.78 -27.49
C ILE A 129 20.91 13.63 -27.20
N VAL A 130 21.73 13.23 -26.22
CA VAL A 130 22.94 13.97 -25.91
C VAL A 130 24.03 13.71 -26.95
N SER A 131 24.15 12.47 -27.44
CA SER A 131 25.25 12.12 -28.31
C SER A 131 24.93 12.30 -29.79
N ASN A 132 23.70 12.00 -30.21
CA ASN A 132 23.31 12.15 -31.61
C ASN A 132 22.63 13.48 -31.89
N ALA A 133 21.55 13.80 -31.17
CA ALA A 133 20.72 14.95 -31.54
C ALA A 133 21.43 16.28 -31.28
N THR A 134 22.01 16.46 -30.09
CA THR A 134 22.63 17.74 -29.76
C THR A 134 24.00 17.92 -30.39
N TYR A 135 24.41 17.02 -31.28
CA TYR A 135 25.57 17.21 -32.13
C TYR A 135 25.19 17.62 -33.55
N ARG A 136 23.90 17.67 -33.86
CA ARG A 136 23.44 18.11 -35.16
C ARG A 136 23.56 19.62 -35.29
N ASP A 137 23.38 20.10 -36.52
CA ASP A 137 23.43 21.53 -36.77
C ASP A 137 22.09 22.17 -36.37
N HIS A 138 22.15 23.48 -36.07
CA HIS A 138 20.99 24.28 -35.72
C HIS A 138 20.38 23.89 -34.38
N VAL A 139 21.20 23.44 -33.44
CA VAL A 139 20.73 23.06 -32.11
C VAL A 139 21.21 24.12 -31.12
N TYR A 140 20.25 24.81 -30.48
CA TYR A 140 20.54 25.81 -29.47
C TYR A 140 20.19 25.28 -28.09
N MET A 141 20.76 25.92 -27.07
CA MET A 141 20.52 25.56 -25.68
C MET A 141 20.36 26.83 -24.86
N CYS A 142 19.73 26.68 -23.70
CA CYS A 142 19.51 27.82 -22.82
C CYS A 142 19.11 27.31 -21.44
N MET A 143 19.42 28.12 -20.42
CA MET A 143 19.04 27.84 -19.05
C MET A 143 17.82 28.69 -18.70
N ASP A 144 16.70 28.03 -18.41
CA ASP A 144 15.48 28.77 -18.10
C ASP A 144 15.57 29.39 -16.70
N GLN A 145 14.51 30.08 -16.31
CA GLN A 145 14.51 30.77 -15.02
C GLN A 145 14.46 29.81 -13.84
N ASP A 146 14.21 28.52 -14.07
CA ASP A 146 14.22 27.52 -13.02
C ASP A 146 15.55 26.77 -12.94
N ASN A 147 16.57 27.23 -13.66
CA ASN A 147 17.90 26.63 -13.66
C ASN A 147 17.91 25.24 -14.29
N PHE A 148 17.07 25.03 -15.31
CA PHE A 148 17.03 23.79 -16.08
C PHE A 148 17.40 24.08 -17.53
N VAL A 149 18.05 23.10 -18.17
CA VAL A 149 18.50 23.27 -19.55
C VAL A 149 17.35 22.97 -20.50
N ARG A 150 17.29 23.73 -21.59
CA ARG A 150 16.28 23.53 -22.63
C ARG A 150 16.96 23.49 -23.99
N LEU A 151 16.41 22.66 -24.88
CA LEU A 151 16.99 22.40 -26.19
C LEU A 151 15.94 22.64 -27.26
N THR A 152 16.37 23.19 -28.40
CA THR A 152 15.46 23.46 -29.50
C THR A 152 16.22 23.47 -30.80
N VAL A 153 15.48 23.40 -31.91
CA VAL A 153 16.03 23.45 -33.25
C VAL A 153 15.44 24.68 -33.96
N SER A 154 16.31 25.52 -34.52
CA SER A 154 15.87 26.70 -35.25
C SER A 154 16.82 26.92 -36.42
N GLY A 155 16.36 26.62 -37.63
CA GLY A 155 17.11 26.90 -38.83
C GLY A 155 16.89 28.28 -39.41
N THR A 156 15.98 29.05 -38.83
CA THR A 156 15.63 30.39 -39.31
C THR A 156 16.34 31.47 -38.50
N GLY A 157 17.56 31.22 -38.07
CA GLY A 157 18.30 32.14 -37.24
C GLY A 157 18.20 31.76 -35.78
N PRO A 158 18.64 32.65 -34.90
CA PRO A 158 18.55 32.36 -33.47
C PRO A 158 17.11 32.25 -33.03
N PRO A 159 16.82 31.43 -32.02
CA PRO A 159 15.43 31.25 -31.59
C PRO A 159 14.83 32.54 -31.07
N ALA A 160 13.52 32.68 -31.26
CA ALA A 160 12.80 33.93 -30.97
C ALA A 160 12.21 33.86 -29.56
N ASN A 161 13.08 34.10 -28.57
CA ASN A 161 12.63 34.25 -27.20
C ASN A 161 13.74 34.94 -26.41
N SER A 162 13.34 35.56 -25.30
CA SER A 162 14.29 36.27 -24.44
C SER A 162 14.14 35.99 -22.97
N GLY A 163 13.13 35.21 -22.54
CA GLY A 163 13.24 34.57 -21.24
C GLY A 163 14.38 33.60 -21.17
N CYS A 164 14.98 33.28 -22.33
CA CYS A 164 16.15 32.44 -22.43
C CYS A 164 17.14 33.10 -23.38
N GLU A 165 18.43 33.04 -23.04
CA GLU A 165 19.52 33.50 -23.90
C GLU A 165 20.05 32.29 -24.65
N TRP A 166 19.55 32.07 -25.85
CA TRP A 166 19.89 30.87 -26.60
C TRP A 166 21.30 30.95 -27.16
N LYS A 167 22.07 29.88 -26.97
CA LYS A 167 23.43 29.77 -27.50
C LYS A 167 23.55 28.46 -28.26
N LEU A 168 24.45 28.43 -29.24
CA LEU A 168 24.64 27.22 -30.03
C LEU A 168 25.37 26.16 -29.22
N VAL A 169 24.79 24.96 -29.15
CA VAL A 169 25.43 23.85 -28.44
C VAL A 169 26.79 23.54 -29.04
N GLU A 170 26.93 23.71 -30.35
CA GLU A 170 28.20 23.43 -31.01
C GLU A 170 29.32 24.29 -30.45
N THR A 171 29.12 25.61 -30.38
CA THR A 171 30.16 26.50 -29.90
C THR A 171 30.37 26.35 -28.39
N GLU A 172 29.27 26.30 -27.64
CA GLU A 172 29.38 26.18 -26.18
C GLU A 172 30.08 24.89 -25.77
N ARG A 173 29.98 23.85 -26.59
CA ARG A 173 30.66 22.59 -26.27
C ARG A 173 32.17 22.71 -26.46
N ALA A 174 32.60 23.31 -27.57
CA ALA A 174 34.02 23.43 -27.85
C ALA A 174 34.71 24.36 -26.86
N ASN A 175 34.04 25.44 -26.47
CA ASN A 175 34.62 26.43 -25.58
C ASN A 175 34.57 26.02 -24.10
N SER A 176 34.37 24.74 -23.82
CA SER A 176 34.33 24.24 -22.44
C SER A 176 35.69 23.76 -21.97
N GLY A 177 36.23 22.74 -22.62
CA GLY A 177 37.49 22.16 -22.20
C GLY A 177 37.47 20.65 -22.10
N ASP A 178 36.37 20.09 -21.59
CA ASP A 178 36.16 18.64 -21.55
C ASP A 178 34.78 18.36 -22.14
N ILE A 179 34.76 17.87 -23.37
CA ILE A 179 33.51 17.66 -24.08
C ILE A 179 32.66 16.59 -23.39
N ALA A 180 33.29 15.57 -22.82
CA ALA A 180 32.54 14.54 -22.12
C ALA A 180 31.84 15.11 -20.90
N ALA A 181 32.48 16.06 -20.21
CA ALA A 181 31.84 16.70 -19.08
C ALA A 181 30.61 17.49 -19.51
N PHE A 182 30.71 18.18 -20.66
CA PHE A 182 29.57 18.91 -21.20
C PHE A 182 28.43 17.95 -21.54
N ASP A 183 28.76 16.78 -22.09
CA ASP A 183 27.75 15.80 -22.47
C ASP A 183 27.25 14.97 -21.29
N HIS A 184 27.94 14.99 -20.14
CA HIS A 184 27.42 14.34 -18.95
C HIS A 184 26.55 15.29 -18.14
N TRP A 185 26.88 16.58 -18.14
CA TRP A 185 26.04 17.59 -17.51
C TRP A 185 24.69 17.69 -18.23
N LEU A 186 24.70 17.53 -19.55
CA LEU A 186 23.45 17.55 -20.31
C LEU A 186 22.52 16.43 -19.86
N LYS A 187 23.06 15.22 -19.70
CA LYS A 187 22.23 14.09 -19.31
C LYS A 187 21.77 14.20 -17.87
N SER A 188 22.67 14.62 -16.97
CA SER A 188 22.29 14.80 -15.58
C SER A 188 21.19 15.85 -15.43
N ASN A 189 21.12 16.80 -16.36
CA ASN A 189 20.18 17.90 -16.23
C ASN A 189 18.78 17.55 -16.69
N ILE A 190 18.66 16.60 -17.61
CA ILE A 190 17.36 16.27 -18.19
C ILE A 190 16.89 14.88 -17.78
N SER A 191 17.59 14.24 -16.84
CA SER A 191 17.15 12.95 -16.30
C SER A 191 16.53 13.14 -14.92
N LEU A 192 15.65 12.21 -14.57
CA LEU A 192 15.02 12.22 -13.25
C LEU A 192 15.74 11.35 -12.24
N LEU A 193 16.65 10.49 -12.70
CA LEU A 193 17.39 9.61 -11.80
C LEU A 193 18.81 10.11 -11.54
N THR A 194 19.09 11.36 -11.85
CA THR A 194 20.34 11.97 -11.44
C THR A 194 20.38 12.19 -9.93
N THR A 195 19.22 12.30 -9.30
CA THR A 195 19.08 12.34 -7.85
C THR A 195 17.91 11.44 -7.47
N ASP A 196 17.94 10.91 -6.25
CA ASP A 196 16.87 10.05 -5.77
C ASP A 196 15.57 10.83 -5.78
N PRO A 197 14.63 10.48 -6.68
CA PRO A 197 13.39 11.28 -6.78
C PRO A 197 12.58 11.31 -5.49
N LEU A 198 12.58 10.22 -4.72
CA LEU A 198 11.82 10.20 -3.48
C LEU A 198 12.41 11.11 -2.41
N VAL A 199 13.63 11.60 -2.61
CA VAL A 199 14.25 12.53 -1.69
C VAL A 199 14.33 13.95 -2.26
N THR A 200 14.55 14.10 -3.56
CA THR A 200 14.68 15.42 -4.17
C THR A 200 13.35 16.06 -4.51
N TYR A 201 12.32 15.26 -4.74
CA TYR A 201 10.97 15.74 -5.03
C TYR A 201 9.99 14.96 -4.17
N PRO A 202 9.99 15.22 -2.85
CA PRO A 202 9.32 14.32 -1.91
C PRO A 202 7.81 14.24 -2.07
N SER A 203 7.16 15.27 -2.57
CA SER A 203 5.70 15.27 -2.69
C SER A 203 5.29 14.88 -4.11
N LEU A 204 4.09 14.31 -4.22
CA LEU A 204 3.57 13.92 -5.52
C LEU A 204 3.49 15.11 -6.47
N ASP A 205 3.15 16.29 -5.94
CA ASP A 205 3.13 17.50 -6.74
C ASP A 205 4.52 17.87 -7.24
N LYS A 206 5.54 17.72 -6.38
CA LYS A 206 6.90 18.07 -6.77
C LYS A 206 7.43 17.13 -7.85
N VAL A 207 7.21 15.84 -7.69
CA VAL A 207 7.75 14.88 -8.66
C VAL A 207 7.06 15.03 -10.01
N TRP A 208 5.75 15.29 -10.01
CA TRP A 208 5.07 15.61 -11.26
C TRP A 208 5.54 16.93 -11.85
N GLY A 209 6.06 17.84 -11.02
CA GLY A 209 6.68 19.05 -11.56
C GLY A 209 7.95 18.75 -12.32
N ARG A 210 8.86 17.97 -11.71
CA ARG A 210 10.08 17.59 -12.40
C ARG A 210 9.77 16.71 -13.61
N PHE A 211 8.75 15.86 -13.50
CA PHE A 211 8.34 15.02 -14.62
C PHE A 211 7.86 15.88 -15.79
N ASP A 212 7.11 16.95 -15.49
CA ASP A 212 6.65 17.85 -16.55
C ASP A 212 7.79 18.68 -17.12
N LYS A 213 8.73 19.10 -16.27
CA LYS A 213 9.89 19.84 -16.76
C LYS A 213 10.69 19.00 -17.75
N HIS A 214 10.77 17.69 -17.50
CA HIS A 214 11.51 16.79 -18.39
C HIS A 214 11.05 16.95 -19.83
N PHE A 215 9.73 16.93 -20.05
CA PHE A 215 9.22 17.01 -21.42
C PHE A 215 9.39 18.39 -22.02
N SER A 216 9.27 19.44 -21.20
CA SER A 216 9.45 20.79 -21.72
C SER A 216 10.91 21.06 -22.08
N GLN A 217 11.85 20.38 -21.42
CA GLN A 217 13.26 20.54 -21.77
C GLN A 217 13.56 20.00 -23.16
N LEU A 218 12.88 18.93 -23.58
CA LEU A 218 13.21 18.23 -24.81
C LEU A 218 12.27 18.51 -25.97
N ARG A 219 11.17 19.23 -25.73
CA ARG A 219 10.14 19.34 -26.77
C ARG A 219 10.66 20.05 -28.02
N GLY A 220 11.51 21.05 -27.84
CA GLY A 220 12.07 21.76 -28.98
C GLY A 220 12.99 20.93 -29.84
N ILE A 221 13.45 19.77 -29.36
CA ILE A 221 14.38 18.93 -30.10
C ILE A 221 13.79 17.58 -30.49
N ILE A 222 12.76 17.10 -29.80
CA ILE A 222 12.16 15.81 -30.14
C ILE A 222 11.04 15.94 -31.16
N TYR A 223 10.48 17.14 -31.35
CA TYR A 223 9.44 17.34 -32.34
C TYR A 223 9.97 17.87 -33.67
N HIS A 224 11.28 18.00 -33.82
CA HIS A 224 11.87 18.24 -35.12
C HIS A 224 11.84 16.95 -35.93
N THR A 225 11.24 17.00 -37.13
CA THR A 225 10.95 15.78 -37.89
C THR A 225 12.15 14.88 -38.11
N PRO A 226 13.34 15.36 -38.52
CA PRO A 226 14.47 14.43 -38.66
C PRO A 226 14.86 13.76 -37.36
N ILE A 227 14.91 14.51 -36.26
CA ILE A 227 15.29 13.94 -34.97
C ILE A 227 14.23 12.97 -34.48
N ARG A 228 12.95 13.24 -34.76
CA ARG A 228 11.89 12.36 -34.29
C ARG A 228 11.86 11.05 -35.06
N ARG A 229 12.04 11.11 -36.38
CA ARG A 229 12.02 9.88 -37.17
C ARG A 229 13.14 8.94 -36.74
N ASP A 230 14.30 9.50 -36.41
CA ASP A 230 15.40 8.70 -35.90
C ASP A 230 15.17 8.27 -34.45
N TYR A 231 14.51 9.11 -33.65
CA TYR A 231 14.22 8.74 -32.27
C TYR A 231 13.25 7.57 -32.20
N TYR A 232 12.21 7.57 -33.05
CA TYR A 232 11.24 6.48 -33.01
C TYR A 232 11.87 5.15 -33.37
N ARG A 233 12.77 5.14 -34.37
CA ARG A 233 13.47 3.92 -34.69
C ARG A 233 14.32 3.44 -33.52
N GLN A 234 14.93 4.39 -32.79
CA GLN A 234 15.69 4.02 -31.60
C GLN A 234 14.82 3.30 -30.57
N ILE A 235 13.53 3.65 -30.50
CA ILE A 235 12.61 2.93 -29.62
C ILE A 235 12.51 1.47 -30.03
N LEU A 236 12.25 1.23 -31.32
CA LEU A 236 12.11 -0.14 -31.80
C LEU A 236 13.43 -0.91 -31.70
N GLU A 237 14.54 -0.24 -32.02
CA GLU A 237 15.85 -0.89 -31.96
C GLU A 237 16.21 -1.28 -30.53
N GLU A 238 15.81 -0.48 -29.55
CA GLU A 238 16.12 -0.78 -28.15
C GLU A 238 15.17 -1.82 -27.58
N PHE A 239 13.89 -1.74 -27.91
CA PHE A 239 12.92 -2.67 -27.32
C PHE A 239 13.12 -4.09 -27.84
N ARG A 240 13.61 -4.24 -29.07
CA ARG A 240 13.97 -5.57 -29.56
C ARG A 240 15.26 -6.04 -28.92
N SER A 241 16.19 -5.12 -28.66
CA SER A 241 17.43 -5.45 -27.98
C SER A 241 17.22 -5.82 -26.52
N ASP A 242 16.02 -5.59 -26.00
CA ASP A 242 15.61 -6.11 -24.69
C ASP A 242 14.64 -7.28 -24.82
N ASN A 243 14.67 -7.95 -25.97
CA ASN A 243 13.87 -9.16 -26.22
C ASN A 243 12.37 -8.91 -26.04
N VAL A 244 11.92 -7.74 -26.46
CA VAL A 244 10.50 -7.42 -26.58
C VAL A 244 10.18 -7.31 -28.05
N GLN A 245 9.14 -8.03 -28.50
CA GLN A 245 8.86 -8.17 -29.92
C GLN A 245 7.66 -7.37 -30.39
N TYR A 246 6.89 -6.76 -29.48
CA TYR A 246 5.66 -6.07 -29.86
C TYR A 246 5.44 -4.89 -28.92
N VAL A 247 5.00 -3.78 -29.48
CA VAL A 247 4.76 -2.55 -28.70
C VAL A 247 3.47 -1.90 -29.18
N GLU A 248 2.73 -1.33 -28.24
CA GLU A 248 1.56 -0.49 -28.53
C GLU A 248 1.81 0.87 -27.89
N VAL A 249 2.20 1.85 -28.71
CA VAL A 249 2.69 3.13 -28.24
C VAL A 249 1.58 4.17 -28.29
N ARG A 250 1.58 5.07 -27.32
CA ARG A 250 0.70 6.24 -27.31
C ARG A 250 1.49 7.46 -27.76
N SER A 251 0.90 8.26 -28.64
CA SER A 251 1.59 9.39 -29.23
C SER A 251 0.62 10.55 -29.45
N SER A 252 1.16 11.77 -29.39
CA SER A 252 0.39 12.96 -29.74
C SER A 252 0.16 13.05 -31.25
N LEU A 253 1.14 12.61 -32.05
CA LEU A 253 1.03 12.42 -33.49
C LEU A 253 0.99 13.71 -34.30
N SER A 254 0.90 14.87 -33.65
CA SER A 254 0.81 16.13 -34.37
C SER A 254 1.78 17.14 -33.76
N GLY A 255 2.27 18.05 -34.62
CA GLY A 255 3.20 19.08 -34.21
C GLY A 255 4.62 18.90 -34.69
N PHE A 256 4.89 17.89 -35.52
CA PHE A 256 6.23 17.71 -36.07
C PHE A 256 6.58 18.89 -36.96
N PHE A 257 7.72 19.51 -36.70
CA PHE A 257 8.11 20.73 -37.39
C PHE A 257 9.42 20.53 -38.15
N GLU A 258 9.60 21.33 -39.19
CA GLU A 258 10.77 21.29 -40.05
C GLU A 258 11.64 22.53 -39.84
N LEU A 259 12.80 22.52 -40.49
CA LEU A 259 13.72 23.66 -40.38
C LEU A 259 13.14 24.90 -41.04
N ASP A 260 12.42 24.73 -42.14
CA ASP A 260 11.84 25.88 -42.83
C ASP A 260 10.70 26.53 -42.04
N GLY A 261 10.17 25.82 -41.03
CA GLY A 261 9.10 26.33 -40.20
C GLY A 261 7.80 25.55 -40.30
N THR A 262 7.64 24.73 -41.34
CA THR A 262 6.39 24.01 -41.55
C THR A 262 6.10 23.06 -40.40
N VAL A 263 4.89 23.16 -39.85
CA VAL A 263 4.40 22.24 -38.83
C VAL A 263 3.35 21.34 -39.46
N HIS A 264 3.45 20.04 -39.17
CA HIS A 264 2.62 19.03 -39.82
C HIS A 264 1.40 18.68 -38.98
N ASP A 265 0.55 17.83 -39.54
CA ASP A 265 -0.67 17.36 -38.88
C ASP A 265 -0.45 15.99 -38.26
N ALA A 266 -1.54 15.36 -37.82
CA ALA A 266 -1.46 14.06 -37.16
C ALA A 266 -1.21 12.92 -38.15
N GLU A 267 -1.91 12.92 -39.30
CA GLU A 267 -1.76 11.84 -40.26
C GLU A 267 -0.33 11.75 -40.78
N PHE A 268 0.38 12.88 -40.82
CA PHE A 268 1.80 12.85 -41.15
C PHE A 268 2.58 12.04 -40.14
N GLY A 269 2.31 12.26 -38.85
CA GLY A 269 3.01 11.52 -37.81
C GLY A 269 2.73 10.04 -37.85
N LEU A 270 1.46 9.66 -38.05
CA LEU A 270 1.10 8.26 -38.10
C LEU A 270 1.80 7.54 -39.25
N ASN A 271 1.89 8.19 -40.41
CA ASN A 271 2.60 7.59 -41.54
C ASN A 271 4.11 7.64 -41.37
N LEU A 272 4.63 8.62 -40.63
CA LEU A 272 6.06 8.60 -40.30
C LEU A 272 6.40 7.41 -39.43
N TYR A 273 5.54 7.10 -38.45
CA TYR A 273 5.74 5.91 -37.65
C TYR A 273 5.52 4.65 -38.46
N LYS A 274 4.53 4.66 -39.34
CA LYS A 274 4.22 3.47 -40.14
C LYS A 274 5.36 3.15 -41.11
N SER A 275 6.02 4.17 -41.66
CA SER A 275 7.14 3.91 -42.55
C SER A 275 8.32 3.28 -41.80
N VAL A 276 8.65 3.82 -40.62
CA VAL A 276 9.76 3.28 -39.84
C VAL A 276 9.45 1.86 -39.36
N THR A 277 8.20 1.62 -38.96
CA THR A 277 7.82 0.30 -38.44
C THR A 277 7.99 -0.78 -39.49
N GLU A 278 7.58 -0.51 -40.73
CA GLU A 278 7.64 -1.53 -41.77
C GLU A 278 9.06 -1.76 -42.27
N GLU A 279 9.86 -0.69 -42.37
CA GLU A 279 11.29 -0.86 -42.65
C GLU A 279 11.95 -1.71 -41.57
N PHE A 280 11.51 -1.58 -40.32
CA PHE A 280 12.03 -2.39 -39.24
C PHE A 280 11.59 -3.85 -39.37
N GLN A 281 10.29 -4.07 -39.61
CA GLN A 281 9.79 -5.45 -39.69
C GLN A 281 10.43 -6.20 -40.84
N ARG A 282 10.68 -5.50 -41.96
CA ARG A 282 11.34 -6.14 -43.09
C ARG A 282 12.80 -6.46 -42.76
N GLU A 283 13.46 -5.59 -42.00
CA GLU A 283 14.86 -5.78 -41.65
C GLU A 283 15.03 -6.86 -40.59
N TYR A 284 14.13 -6.90 -39.60
CA TYR A 284 14.20 -7.85 -38.49
C TYR A 284 12.92 -8.69 -38.47
N PRO A 285 12.91 -9.85 -39.12
CA PRO A 285 11.70 -10.68 -39.14
C PRO A 285 11.34 -11.32 -37.81
N ASP A 286 12.23 -11.28 -36.81
CA ASP A 286 11.88 -11.83 -35.50
C ASP A 286 10.88 -10.95 -34.76
N PHE A 287 10.79 -9.67 -35.13
CA PHE A 287 9.88 -8.72 -34.49
C PHE A 287 8.44 -9.00 -34.93
N ILE A 288 7.51 -8.75 -34.02
CA ILE A 288 6.10 -8.94 -34.36
C ILE A 288 5.53 -7.70 -35.02
N GLY A 289 5.72 -6.54 -34.41
CA GLY A 289 5.29 -5.29 -35.01
C GLY A 289 4.95 -4.25 -33.95
N ALA A 290 4.38 -3.14 -34.42
CA ALA A 290 3.99 -2.03 -33.56
C ALA A 290 2.64 -1.49 -33.99
N LYS A 291 1.91 -0.92 -33.02
CA LYS A 291 0.64 -0.28 -33.28
C LYS A 291 0.53 0.97 -32.42
N ILE A 292 -0.30 1.92 -32.86
CA ILE A 292 -0.29 3.28 -32.31
C ILE A 292 -1.64 3.60 -31.70
N ILE A 293 -1.60 4.36 -30.60
CA ILE A 293 -2.78 4.86 -29.90
C ILE A 293 -2.64 6.38 -29.80
N LEU A 294 -3.67 7.11 -30.22
CA LEU A 294 -3.65 8.56 -30.14
C LEU A 294 -3.94 9.01 -28.71
N SER A 295 -3.20 10.02 -28.25
CA SER A 295 -3.30 10.51 -26.88
C SER A 295 -3.56 12.01 -26.89
N GLY A 296 -4.52 12.42 -26.09
CA GLY A 296 -4.80 13.83 -25.84
C GLY A 296 -4.67 14.12 -24.36
N LEU A 297 -4.38 15.38 -24.05
CA LEU A 297 -4.11 15.79 -22.69
C LEU A 297 -5.40 16.13 -21.95
N ARG A 298 -5.39 15.88 -20.64
CA ARG A 298 -6.59 15.98 -19.82
C ARG A 298 -6.98 17.41 -19.46
N PHE A 299 -6.16 18.40 -19.78
CA PHE A 299 -6.41 19.78 -19.37
C PHE A 299 -6.78 20.69 -20.53
N LYS A 300 -7.07 20.13 -21.70
CA LYS A 300 -7.39 20.92 -22.87
C LYS A 300 -8.89 20.98 -23.09
N SER A 301 -9.31 21.93 -23.93
CA SER A 301 -10.73 22.23 -24.07
C SER A 301 -11.51 21.03 -24.58
N GLN A 302 -12.75 20.89 -24.11
CA GLN A 302 -13.63 19.84 -24.61
C GLN A 302 -13.80 19.93 -26.11
N GLU A 303 -13.68 21.14 -26.66
CA GLU A 303 -13.72 21.32 -28.11
C GLU A 303 -12.58 20.58 -28.79
N GLU A 304 -11.35 20.78 -28.31
CA GLU A 304 -10.21 20.10 -28.92
C GLU A 304 -10.28 18.59 -28.71
N ILE A 305 -10.75 18.15 -27.54
CA ILE A 305 -10.82 16.72 -27.27
C ILE A 305 -11.81 16.04 -28.20
N LEU A 306 -12.92 16.72 -28.50
CA LEU A 306 -13.81 16.21 -29.54
C LEU A 306 -13.14 16.26 -30.91
N ASN A 307 -12.36 17.32 -31.18
CA ASN A 307 -11.64 17.41 -32.44
C ASN A 307 -10.68 16.24 -32.62
N GLU A 308 -10.04 15.81 -31.54
CA GLU A 308 -9.10 14.69 -31.60
C GLU A 308 -9.82 13.35 -31.70
N VAL A 309 -10.99 13.22 -31.06
CA VAL A 309 -11.80 12.01 -31.24
C VAL A 309 -12.21 11.86 -32.69
N LYS A 310 -12.51 12.98 -33.36
CA LYS A 310 -12.81 12.95 -34.78
C LYS A 310 -11.61 12.49 -35.59
N ILE A 311 -10.42 12.99 -35.26
CA ILE A 311 -9.21 12.53 -35.96
C ILE A 311 -9.02 11.04 -35.77
N ALA A 312 -9.26 10.54 -34.55
CA ALA A 312 -9.11 9.11 -34.28
C ALA A 312 -10.13 8.29 -35.05
N MET A 313 -11.34 8.81 -35.23
CA MET A 313 -12.35 8.08 -35.98
C MET A 313 -11.92 7.88 -37.44
N ASP A 314 -11.45 8.95 -38.08
CA ASP A 314 -11.00 8.83 -39.47
C ASP A 314 -9.74 7.98 -39.56
N LEU A 315 -8.77 8.22 -38.68
CA LEU A 315 -7.52 7.47 -38.72
C LEU A 315 -7.75 5.98 -38.49
N HIS A 316 -8.71 5.65 -37.62
CA HIS A 316 -9.03 4.24 -37.41
C HIS A 316 -9.58 3.60 -38.68
N LYS A 317 -10.44 4.31 -39.40
CA LYS A 317 -10.95 3.79 -40.67
C LYS A 317 -9.85 3.67 -41.71
N LYS A 318 -9.09 4.75 -41.90
CA LYS A 318 -8.07 4.77 -42.97
C LYS A 318 -6.99 3.73 -42.73
N TYR A 319 -6.53 3.59 -41.47
CA TYR A 319 -5.45 2.69 -41.10
C TYR A 319 -6.01 1.72 -40.07
N PRO A 320 -6.70 0.67 -40.51
CA PRO A 320 -7.42 -0.19 -39.55
C PRO A 320 -6.51 -1.04 -38.68
N ASP A 321 -5.32 -1.38 -39.15
CA ASP A 321 -4.42 -2.27 -38.39
C ASP A 321 -3.33 -1.52 -37.64
N PHE A 322 -2.86 -0.39 -38.15
CA PHE A 322 -1.81 0.35 -37.46
C PHE A 322 -2.36 1.27 -36.37
N PHE A 323 -3.63 1.65 -36.45
CA PHE A 323 -4.25 2.55 -35.49
C PHE A 323 -5.24 1.76 -34.63
N LEU A 324 -5.18 1.97 -33.32
CA LEU A 324 -5.96 1.19 -32.36
C LEU A 324 -7.11 1.97 -31.75
N GLY A 325 -6.85 3.17 -31.21
CA GLY A 325 -7.89 3.93 -30.56
C GLY A 325 -7.43 5.22 -29.92
N TYR A 326 -8.11 5.63 -28.85
CA TYR A 326 -7.88 6.94 -28.26
C TYR A 326 -7.74 6.83 -26.76
N ASP A 327 -6.98 7.76 -26.18
CA ASP A 327 -6.73 7.78 -24.74
C ASP A 327 -6.46 9.22 -24.33
N LEU A 328 -6.79 9.55 -23.08
CA LEU A 328 -6.46 10.83 -22.48
C LEU A 328 -5.39 10.64 -21.43
N VAL A 329 -4.32 11.43 -21.52
CA VAL A 329 -3.17 11.30 -20.64
C VAL A 329 -2.94 12.60 -19.90
N GLY A 330 -1.88 12.66 -19.11
CA GLY A 330 -1.63 13.77 -18.20
C GLY A 330 -2.08 13.44 -16.79
N GLN A 331 -1.59 14.25 -15.84
CA GLN A 331 -1.84 13.97 -14.43
C GLN A 331 -3.34 13.87 -14.16
N GLU A 332 -3.73 12.81 -13.47
CA GLU A 332 -5.15 12.47 -13.34
C GLU A 332 -5.84 13.18 -12.19
N ASP A 333 -5.10 13.50 -11.11
CA ASP A 333 -5.75 14.14 -9.95
C ASP A 333 -6.12 15.58 -10.22
N PRO A 334 -5.20 16.49 -10.57
CA PRO A 334 -5.57 17.91 -10.64
C PRO A 334 -6.22 18.33 -11.95
N ASN A 335 -6.28 17.46 -12.94
CA ASN A 335 -6.87 17.80 -14.23
C ASN A 335 -8.26 17.21 -14.34
N PHE A 336 -8.84 17.28 -15.54
CA PHE A 336 -10.25 16.94 -15.71
C PHE A 336 -10.46 15.44 -15.58
N SER A 337 -11.74 15.05 -15.58
CA SER A 337 -12.16 13.67 -15.46
C SER A 337 -12.69 13.18 -16.81
N LEU A 338 -13.02 11.88 -16.86
CA LEU A 338 -13.59 11.31 -18.08
C LEU A 338 -15.06 11.68 -18.25
N LEU A 339 -15.74 12.06 -17.19
CA LEU A 339 -17.13 12.52 -17.30
C LEU A 339 -17.20 13.92 -17.87
N HIS A 340 -16.20 14.76 -17.60
CA HIS A 340 -16.11 16.10 -18.15
C HIS A 340 -15.95 16.08 -19.66
N TYR A 341 -15.69 14.92 -20.26
CA TYR A 341 -15.53 14.79 -21.70
C TYR A 341 -16.57 13.85 -22.33
N LEU A 342 -17.71 13.67 -21.68
CA LEU A 342 -18.66 12.65 -22.13
C LEU A 342 -19.24 12.98 -23.49
N ASP A 343 -19.51 14.26 -23.76
CA ASP A 343 -20.05 14.65 -25.06
C ASP A 343 -19.11 14.25 -26.19
N ALA A 344 -17.80 14.28 -25.96
CA ALA A 344 -16.84 13.86 -26.97
C ALA A 344 -16.69 12.35 -27.02
N LEU A 345 -16.55 11.72 -25.86
CA LEU A 345 -16.28 10.28 -25.80
C LEU A 345 -17.51 9.43 -26.12
N LEU A 346 -18.71 10.01 -26.11
CA LEU A 346 -19.91 9.33 -26.58
C LEU A 346 -20.25 9.67 -28.02
N TYR A 347 -19.58 10.67 -28.60
CA TYR A 347 -19.83 11.07 -29.99
C TYR A 347 -19.75 9.92 -31.00
N PRO A 348 -18.74 9.03 -30.95
CA PRO A 348 -18.70 7.95 -31.95
C PRO A 348 -19.89 7.00 -31.90
N SER A 349 -20.58 6.90 -30.77
CA SER A 349 -21.70 5.96 -30.65
C SER A 349 -23.03 6.54 -31.09
N ILE A 350 -23.26 7.84 -30.87
CA ILE A 350 -24.52 8.46 -31.26
C ILE A 350 -24.71 8.53 -32.77
N GLN A 351 -23.64 8.30 -33.54
CA GLN A 351 -23.73 8.34 -34.98
C GLN A 351 -24.68 7.26 -35.51
N ASN A 352 -25.18 7.50 -36.72
CA ASN A 352 -26.07 6.56 -37.42
C ASN A 352 -25.46 6.25 -38.78
N PRO A 353 -24.97 5.02 -39.00
CA PRO A 353 -24.92 3.89 -38.06
C PRO A 353 -23.91 4.12 -36.95
N PRO A 354 -24.10 3.51 -35.79
CA PRO A 354 -23.16 3.72 -34.68
C PRO A 354 -21.76 3.25 -35.05
N TYR A 355 -20.77 4.01 -34.59
CA TYR A 355 -19.37 3.69 -34.80
C TYR A 355 -18.73 3.30 -33.48
N ARG A 356 -17.62 2.59 -33.57
CA ARG A 356 -16.87 2.13 -32.41
C ARG A 356 -15.44 2.66 -32.51
N LEU A 357 -15.13 3.70 -31.74
CA LEU A 357 -13.76 4.12 -31.55
C LEU A 357 -13.23 3.41 -30.30
N PRO A 358 -12.31 2.46 -30.43
CA PRO A 358 -11.79 1.79 -29.23
C PRO A 358 -11.07 2.77 -28.31
N TYR A 359 -11.13 2.49 -27.02
CA TYR A 359 -10.55 3.36 -26.00
C TYR A 359 -9.57 2.57 -25.14
N PHE A 360 -8.55 3.27 -24.66
CA PHE A 360 -7.48 2.68 -23.86
C PHE A 360 -7.17 3.57 -22.66
N PHE A 361 -8.22 3.91 -21.91
CA PHE A 361 -8.15 4.98 -20.92
C PHE A 361 -7.17 4.68 -19.78
N HIS A 362 -6.43 5.71 -19.37
CA HIS A 362 -5.93 5.74 -18.01
C HIS A 362 -7.11 5.84 -17.05
N ALA A 363 -7.01 5.19 -15.90
CA ALA A 363 -8.11 5.24 -14.95
C ALA A 363 -7.62 4.87 -13.56
N ALA A 364 -8.05 5.65 -12.56
CA ALA A 364 -7.84 5.35 -11.15
C ALA A 364 -6.35 5.29 -10.78
N GLU A 365 -5.55 6.16 -11.38
CA GLU A 365 -4.13 6.29 -11.03
C GLU A 365 -4.00 7.22 -9.82
N THR A 366 -4.58 6.78 -8.70
CA THR A 366 -4.71 7.67 -7.54
C THR A 366 -4.84 6.85 -6.26
N ASN A 367 -4.54 7.49 -5.15
CA ASN A 367 -4.81 6.96 -3.82
C ASN A 367 -6.16 7.38 -3.27
N TRP A 368 -6.91 8.21 -4.00
CA TRP A 368 -8.20 8.68 -3.54
C TRP A 368 -9.26 7.60 -3.73
N GLN A 369 -10.32 7.70 -2.92
CA GLN A 369 -11.41 6.74 -2.95
C GLN A 369 -12.75 7.46 -3.00
N GLU A 370 -13.65 6.98 -3.86
CA GLU A 370 -14.97 7.58 -4.06
C GLU A 370 -14.89 9.05 -4.44
N THR A 371 -13.97 9.37 -5.36
CA THR A 371 -13.81 10.71 -5.91
C THR A 371 -13.97 10.66 -7.43
N GLU A 372 -13.82 11.82 -8.07
CA GLU A 372 -13.89 11.88 -9.53
C GLU A 372 -12.83 10.99 -10.17
N VAL A 373 -11.59 11.10 -9.69
CA VAL A 373 -10.49 10.33 -10.27
C VAL A 373 -10.76 8.83 -10.10
N ASP A 374 -11.18 8.44 -8.91
CA ASP A 374 -11.47 7.04 -8.62
C ASP A 374 -12.63 6.53 -9.47
N TYR A 375 -13.61 7.39 -9.77
CA TYR A 375 -14.81 7.00 -10.49
C TYR A 375 -14.65 7.05 -12.01
N ASN A 376 -13.50 7.47 -12.52
CA ASN A 376 -13.24 7.35 -13.95
C ASN A 376 -13.27 5.89 -14.39
N LEU A 377 -13.16 4.98 -13.43
CA LEU A 377 -13.24 3.55 -13.71
C LEU A 377 -14.61 3.19 -14.27
N ALA A 378 -15.69 3.71 -13.68
CA ALA A 378 -17.03 3.40 -14.15
C ALA A 378 -17.27 3.94 -15.55
N ASP A 379 -16.82 5.17 -15.82
CA ASP A 379 -16.98 5.74 -17.15
C ASP A 379 -16.22 4.93 -18.20
N ALA A 380 -14.99 4.50 -17.86
CA ALA A 380 -14.22 3.71 -18.81
C ALA A 380 -14.88 2.36 -19.08
N LEU A 381 -15.47 1.75 -18.05
CA LEU A 381 -16.14 0.47 -18.24
C LEU A 381 -17.43 0.63 -19.04
N LEU A 382 -18.12 1.76 -18.88
CA LEU A 382 -19.35 1.97 -19.64
C LEU A 382 -19.08 2.48 -21.04
N LEU A 383 -17.96 3.17 -21.25
CA LEU A 383 -17.53 3.53 -22.60
C LEU A 383 -16.87 2.35 -23.31
N ASN A 384 -16.85 1.18 -22.68
CA ASN A 384 -16.39 -0.07 -23.29
C ASN A 384 -14.92 0.01 -23.70
N THR A 385 -14.07 0.31 -22.71
CA THR A 385 -12.64 0.32 -22.93
C THR A 385 -12.13 -1.10 -23.14
N THR A 386 -11.02 -1.21 -23.88
CA THR A 386 -10.41 -2.51 -24.15
C THR A 386 -9.37 -2.87 -23.10
N ARG A 387 -8.63 -1.88 -22.61
CA ARG A 387 -7.69 -2.06 -21.50
C ARG A 387 -7.71 -0.81 -20.64
N VAL A 388 -7.35 -0.98 -19.38
CA VAL A 388 -7.29 0.10 -18.40
C VAL A 388 -5.84 0.37 -18.07
N GLY A 389 -5.47 1.64 -17.95
CA GLY A 389 -4.11 2.02 -17.60
C GLY A 389 -4.00 2.24 -16.10
N HIS A 390 -2.98 1.61 -15.50
CA HIS A 390 -2.67 1.69 -14.08
C HIS A 390 -3.74 1.00 -13.24
N GLY A 391 -4.94 1.59 -13.16
CA GLY A 391 -6.04 0.97 -12.42
C GLY A 391 -5.75 0.76 -10.96
N PHE A 392 -5.09 1.72 -10.32
CA PHE A 392 -4.62 1.52 -8.95
C PHE A 392 -5.76 1.37 -7.97
N ALA A 393 -6.89 2.03 -8.20
CA ALA A 393 -8.01 2.03 -7.26
C ALA A 393 -9.14 1.12 -7.70
N LEU A 394 -8.85 0.09 -8.50
CA LEU A 394 -9.88 -0.87 -8.86
C LEU A 394 -10.21 -1.80 -7.70
N ILE A 395 -9.21 -2.19 -6.92
CA ILE A 395 -9.42 -3.10 -5.80
C ILE A 395 -10.33 -2.49 -4.74
N LYS A 396 -10.42 -1.17 -4.70
CA LYS A 396 -11.29 -0.49 -3.74
C LYS A 396 -12.76 -0.55 -4.11
N HIS A 397 -13.09 -1.01 -5.32
CA HIS A 397 -14.48 -1.05 -5.79
C HIS A 397 -14.86 -2.48 -6.13
N PRO A 398 -15.60 -3.17 -5.25
CA PRO A 398 -15.93 -4.58 -5.48
C PRO A 398 -16.61 -4.88 -6.81
N ARG A 399 -17.77 -4.26 -7.05
CA ARG A 399 -18.53 -4.54 -8.27
C ARG A 399 -17.76 -4.11 -9.52
N PHE A 400 -17.10 -2.94 -9.47
CA PHE A 400 -16.32 -2.51 -10.63
C PHE A 400 -15.28 -3.56 -10.99
N THR A 401 -14.63 -4.14 -9.98
CA THR A 401 -13.65 -5.19 -10.22
C THR A 401 -14.29 -6.39 -10.89
N GLU A 402 -15.44 -6.83 -10.38
CA GLU A 402 -16.11 -7.99 -10.97
C GLU A 402 -16.46 -7.74 -12.43
N LEU A 403 -17.04 -6.57 -12.73
CA LEU A 403 -17.52 -6.30 -14.08
C LEU A 403 -16.39 -6.32 -15.09
N ALA A 404 -15.25 -5.70 -14.76
CA ALA A 404 -14.13 -5.67 -15.69
C ALA A 404 -13.66 -7.08 -16.02
N LYS A 405 -13.66 -7.98 -15.03
CA LYS A 405 -13.32 -9.37 -15.27
C LYS A 405 -14.35 -10.03 -16.20
N GLU A 406 -15.64 -9.80 -15.95
CA GLU A 406 -16.69 -10.42 -16.74
C GLU A 406 -16.59 -9.99 -18.21
N ASN A 407 -16.34 -8.71 -18.45
CA ASN A 407 -16.24 -8.20 -19.81
C ASN A 407 -14.90 -8.49 -20.45
N GLY A 408 -13.88 -8.83 -19.66
CA GLY A 408 -12.58 -9.15 -20.19
C GLY A 408 -11.60 -8.00 -20.28
N VAL A 409 -11.82 -6.92 -19.55
CA VAL A 409 -10.94 -5.77 -19.59
C VAL A 409 -9.70 -6.04 -18.74
N ALA A 410 -8.53 -5.86 -19.32
CA ALA A 410 -7.26 -6.11 -18.64
C ALA A 410 -6.64 -4.79 -18.19
N VAL A 411 -5.85 -4.87 -17.12
CA VAL A 411 -5.22 -3.69 -16.52
C VAL A 411 -3.73 -3.70 -16.87
N GLU A 412 -3.23 -2.55 -17.31
CA GLU A 412 -1.81 -2.37 -17.61
C GLU A 412 -1.13 -1.90 -16.34
N VAL A 413 -0.38 -2.79 -15.70
CA VAL A 413 0.27 -2.48 -14.43
C VAL A 413 1.71 -2.04 -14.73
N ASN A 414 2.04 -0.81 -14.34
CA ASN A 414 3.35 -0.22 -14.56
C ASN A 414 3.99 0.07 -13.21
N PRO A 415 4.80 -0.86 -12.68
CA PRO A 415 5.26 -0.77 -11.28
C PRO A 415 6.21 0.39 -10.99
N ILE A 416 7.29 0.51 -11.77
CA ILE A 416 8.32 1.50 -11.43
C ILE A 416 7.75 2.91 -11.48
N SER A 417 6.88 3.18 -12.46
CA SER A 417 6.27 4.50 -12.53
C SER A 417 5.41 4.77 -11.30
N ASN A 418 4.66 3.78 -10.83
CA ASN A 418 3.79 3.96 -9.67
C ASN A 418 4.57 4.27 -8.40
N GLN A 419 5.86 3.95 -8.36
CA GLN A 419 6.69 4.31 -7.22
C GLN A 419 7.27 5.71 -7.35
N ILE A 420 7.85 6.03 -8.51
CA ILE A 420 8.46 7.33 -8.71
C ILE A 420 7.41 8.43 -8.69
N LEU A 421 6.29 8.21 -9.36
CA LEU A 421 5.22 9.20 -9.43
C LEU A 421 4.35 9.22 -8.18
N GLY A 422 4.71 8.48 -7.14
CA GLY A 422 4.17 8.69 -5.81
C GLY A 422 2.81 8.09 -5.52
N LEU A 423 2.57 6.86 -5.94
CA LEU A 423 1.38 6.13 -5.48
C LEU A 423 1.71 5.12 -4.39
N VAL A 424 2.97 4.71 -4.27
CA VAL A 424 3.40 3.77 -3.23
C VAL A 424 4.91 3.90 -3.10
N ARG A 425 5.42 3.59 -1.91
CA ARG A 425 6.86 3.58 -1.66
C ARG A 425 7.43 2.17 -1.67
N ASP A 426 6.87 1.27 -0.87
CA ASP A 426 7.22 -0.14 -0.92
C ASP A 426 6.32 -0.83 -1.95
N VAL A 427 6.95 -1.35 -3.01
CA VAL A 427 6.19 -1.94 -4.12
C VAL A 427 5.32 -3.10 -3.64
N ARG A 428 5.70 -3.75 -2.54
CA ARG A 428 4.92 -4.86 -1.99
C ARG A 428 3.55 -4.44 -1.49
N ASN A 429 3.30 -3.14 -1.33
CA ASN A 429 1.99 -2.63 -0.96
C ASN A 429 1.19 -2.19 -2.18
N HIS A 430 1.58 -2.65 -3.37
CA HIS A 430 0.86 -2.31 -4.58
C HIS A 430 -0.58 -2.79 -4.50
N ALA A 431 -1.49 -1.98 -5.04
CA ALA A 431 -2.91 -2.25 -4.88
C ALA A 431 -3.43 -3.38 -5.76
N LEU A 432 -2.66 -3.83 -6.73
CA LEU A 432 -3.09 -4.90 -7.63
C LEU A 432 -2.51 -6.26 -7.27
N VAL A 433 -1.63 -6.32 -6.26
CA VAL A 433 -1.10 -7.61 -5.80
C VAL A 433 -2.23 -8.57 -5.42
N PRO A 434 -3.26 -8.18 -4.67
CA PRO A 434 -4.36 -9.12 -4.40
C PRO A 434 -5.05 -9.61 -5.65
N LEU A 435 -5.20 -8.77 -6.67
CA LEU A 435 -5.87 -9.19 -7.90
C LEU A 435 -5.02 -10.21 -8.66
N ILE A 436 -3.70 -10.05 -8.64
CA ILE A 436 -2.82 -11.00 -9.33
C ILE A 436 -3.01 -12.40 -8.75
N ALA A 437 -3.21 -12.50 -7.45
CA ALA A 437 -3.38 -13.78 -6.78
C ALA A 437 -4.73 -14.41 -7.04
N ASP A 438 -5.61 -13.78 -7.82
CA ASP A 438 -6.90 -14.38 -8.18
C ASP A 438 -7.08 -14.40 -9.69
N ASP A 439 -5.97 -14.59 -10.42
CA ASP A 439 -5.96 -14.70 -11.89
C ASP A 439 -6.84 -13.66 -12.55
N TYR A 440 -6.55 -12.40 -12.24
CA TYR A 440 -7.23 -11.26 -12.84
C TYR A 440 -6.54 -10.90 -14.16
N PRO A 441 -7.30 -10.48 -15.19
CA PRO A 441 -6.66 -10.07 -16.45
C PRO A 441 -5.72 -8.90 -16.23
N ILE A 442 -4.41 -9.14 -16.37
CA ILE A 442 -3.39 -8.14 -16.09
C ILE A 442 -2.22 -8.34 -17.05
N VAL A 443 -1.56 -7.24 -17.39
CA VAL A 443 -0.31 -7.27 -18.14
C VAL A 443 0.68 -6.34 -17.44
N ILE A 444 1.95 -6.47 -17.81
CA ILE A 444 3.02 -5.67 -17.22
C ILE A 444 3.66 -4.83 -18.32
N SER A 445 3.96 -3.58 -17.98
CA SER A 445 4.58 -2.65 -18.92
C SER A 445 5.31 -1.57 -18.14
N SER A 446 6.15 -0.81 -18.84
CA SER A 446 6.70 0.42 -18.31
C SER A 446 5.75 1.55 -18.66
N ASP A 447 6.09 2.78 -18.29
CA ASP A 447 5.34 3.93 -18.79
C ASP A 447 6.21 4.91 -19.56
N ASP A 448 7.26 5.45 -18.94
CA ASP A 448 8.18 6.40 -19.58
C ASP A 448 9.59 5.99 -19.19
N PRO A 449 10.06 4.84 -19.69
CA PRO A 449 11.31 4.26 -19.16
C PRO A 449 12.53 5.15 -19.34
N GLY A 450 12.56 5.99 -20.36
CA GLY A 450 13.74 6.82 -20.62
C GLY A 450 13.93 7.96 -19.65
N ALA A 451 12.85 8.41 -18.99
CA ALA A 451 12.98 9.54 -18.06
C ALA A 451 13.78 9.17 -16.82
N TRP A 452 13.53 7.99 -16.26
CA TRP A 452 14.23 7.54 -15.07
C TRP A 452 15.30 6.50 -15.37
N GLU A 453 15.79 6.46 -16.61
CA GLU A 453 16.92 5.61 -17.00
C GLU A 453 16.68 4.15 -16.65
N ALA A 454 15.54 3.62 -17.09
CA ALA A 454 15.21 2.21 -16.89
C ALA A 454 15.24 1.49 -18.23
N SER A 455 15.41 0.17 -18.16
CA SER A 455 15.41 -0.65 -19.34
C SER A 455 13.99 -0.71 -19.93
N PRO A 456 13.85 -1.07 -21.21
CA PRO A 456 12.53 -1.07 -21.85
C PRO A 456 11.46 -1.81 -21.05
N LEU A 457 11.67 -3.11 -20.79
CA LEU A 457 10.72 -3.87 -20.00
C LEU A 457 11.35 -4.80 -18.98
N SER A 458 12.67 -5.00 -19.01
CA SER A 458 13.32 -5.94 -18.10
C SER A 458 13.20 -5.48 -16.65
N HIS A 459 13.49 -4.20 -16.41
CA HIS A 459 13.48 -3.69 -15.03
C HIS A 459 12.09 -3.78 -14.42
N ASP A 460 11.03 -3.66 -15.22
CA ASP A 460 9.68 -3.74 -14.68
C ASP A 460 9.22 -5.18 -14.52
N PHE A 461 9.73 -6.09 -15.36
CA PHE A 461 9.46 -7.51 -15.15
C PHE A 461 10.15 -8.02 -13.89
N TYR A 462 11.36 -7.51 -13.62
CA TYR A 462 12.09 -7.90 -12.42
C TYR A 462 11.36 -7.45 -11.16
N VAL A 463 10.91 -6.19 -11.14
CA VAL A 463 10.21 -5.67 -9.97
C VAL A 463 8.96 -6.48 -9.67
N ALA A 464 8.21 -6.85 -10.72
CA ALA A 464 7.05 -7.70 -10.53
C ALA A 464 7.44 -9.06 -9.96
N LEU A 465 8.55 -9.62 -10.45
CA LEU A 465 8.98 -10.94 -9.99
C LEU A 465 9.29 -10.95 -8.50
N MET A 466 9.95 -9.90 -8.01
CA MET A 466 10.43 -9.88 -6.63
C MET A 466 9.49 -9.18 -5.66
N ASP A 467 8.56 -8.36 -6.14
CA ASP A 467 7.71 -7.55 -5.26
C ASP A 467 6.22 -7.78 -5.42
N LEU A 468 5.76 -8.31 -6.56
CA LEU A 468 4.33 -8.38 -6.83
C LEU A 468 3.76 -9.80 -6.77
N CYS A 469 4.60 -10.82 -6.69
CA CYS A 469 4.13 -12.19 -6.53
C CYS A 469 4.77 -12.81 -5.29
N GLY A 470 4.35 -14.04 -4.97
CA GLY A 470 4.77 -14.68 -3.74
C GLY A 470 6.14 -15.33 -3.82
N ARG A 471 6.56 -15.89 -2.68
CA ARG A 471 7.83 -16.58 -2.58
C ARG A 471 7.82 -17.94 -3.28
N ASP A 472 6.63 -18.48 -3.58
CA ASP A 472 6.50 -19.77 -4.26
C ASP A 472 6.03 -19.62 -5.69
N THR A 473 6.33 -18.48 -6.33
CA THR A 473 5.82 -18.16 -7.66
C THR A 473 6.87 -17.35 -8.41
N ALA A 474 7.58 -17.99 -9.35
CA ALA A 474 8.54 -17.28 -10.18
C ALA A 474 8.25 -17.35 -11.67
N LEU A 475 8.32 -18.54 -12.29
CA LEU A 475 8.31 -18.59 -13.76
C LEU A 475 6.93 -18.81 -14.36
N THR A 476 6.07 -19.55 -13.68
CA THR A 476 4.65 -19.60 -14.05
C THR A 476 4.08 -18.19 -14.13
N PHE A 477 4.46 -17.32 -13.19
CA PHE A 477 3.99 -15.94 -13.17
C PHE A 477 4.49 -15.16 -14.39
N LEU A 478 5.79 -15.26 -14.67
CA LEU A 478 6.35 -14.48 -15.78
C LEU A 478 5.84 -14.96 -17.13
N LYS A 479 5.72 -16.27 -17.32
CA LYS A 479 5.26 -16.80 -18.60
C LYS A 479 3.81 -16.39 -18.87
N GLN A 480 2.96 -16.44 -17.85
CA GLN A 480 1.59 -15.99 -18.01
C GLN A 480 1.52 -14.50 -18.35
N LEU A 481 2.44 -13.70 -17.83
CA LEU A 481 2.50 -12.28 -18.20
C LEU A 481 2.73 -12.11 -19.69
N ALA A 482 3.71 -12.86 -20.24
CA ALA A 482 4.00 -12.76 -21.67
C ALA A 482 2.81 -13.22 -22.51
N LEU A 483 2.14 -14.28 -22.08
CA LEU A 483 0.97 -14.76 -22.82
C LEU A 483 -0.19 -13.78 -22.72
N ASN A 484 -0.34 -13.12 -21.57
CA ASN A 484 -1.43 -12.16 -21.41
C ASN A 484 -1.20 -10.89 -22.23
N SER A 485 0.07 -10.55 -22.51
CA SER A 485 0.35 -9.39 -23.35
C SER A 485 -0.06 -9.63 -24.79
N ILE A 486 -0.19 -10.90 -25.20
CA ILE A 486 -0.68 -11.22 -26.53
C ILE A 486 -2.19 -11.42 -26.52
N ARG A 487 -2.71 -12.10 -25.49
CA ARG A 487 -4.14 -12.36 -25.43
C ARG A 487 -4.94 -11.08 -25.27
N TYR A 488 -4.50 -10.20 -24.37
CA TYR A 488 -5.21 -8.97 -24.08
C TYR A 488 -4.66 -7.78 -24.87
N SER A 489 -4.10 -8.03 -26.05
CA SER A 489 -3.67 -6.97 -26.94
C SER A 489 -4.81 -6.58 -27.87
N ALA A 490 -4.53 -5.67 -28.80
CA ALA A 490 -5.52 -5.19 -29.75
C ALA A 490 -5.37 -5.83 -31.13
N MET A 491 -4.54 -6.86 -31.25
CA MET A 491 -4.40 -7.56 -32.52
C MET A 491 -5.67 -8.34 -32.84
N SER A 492 -5.87 -8.60 -34.13
CA SER A 492 -6.96 -9.48 -34.54
C SER A 492 -6.70 -10.89 -34.04
N ASP A 493 -7.77 -11.65 -33.87
CA ASP A 493 -7.63 -13.04 -33.42
C ASP A 493 -6.68 -13.81 -34.32
N THR A 494 -6.73 -13.55 -35.63
CA THR A 494 -5.79 -14.16 -36.56
C THR A 494 -4.36 -13.73 -36.24
N GLU A 495 -4.15 -12.44 -36.02
CA GLU A 495 -2.82 -11.94 -35.68
C GLU A 495 -2.31 -12.54 -34.39
N LYS A 496 -3.17 -12.65 -33.38
CA LYS A 496 -2.74 -13.15 -32.07
C LYS A 496 -2.21 -14.58 -32.17
N VAL A 497 -2.87 -15.42 -32.96
CA VAL A 497 -2.36 -16.77 -33.18
C VAL A 497 -0.99 -16.72 -33.85
N ALA A 498 -0.87 -15.91 -34.91
CA ALA A 498 0.40 -15.80 -35.63
C ALA A 498 1.46 -15.08 -34.82
N ALA A 499 1.07 -14.34 -33.77
CA ALA A 499 2.01 -13.64 -32.91
C ALA A 499 2.55 -14.54 -31.81
N LYS A 500 1.69 -15.34 -31.18
CA LYS A 500 2.15 -16.29 -30.18
C LYS A 500 3.17 -17.24 -30.76
N ALA A 501 2.99 -17.64 -32.01
CA ALA A 501 3.95 -18.56 -32.65
C ALA A 501 5.35 -17.96 -32.67
N LYS A 502 5.47 -16.70 -33.07
CA LYS A 502 6.79 -16.06 -33.08
C LYS A 502 7.38 -15.95 -31.67
N TRP A 503 6.54 -15.59 -30.69
CA TRP A 503 7.02 -15.54 -29.31
C TRP A 503 7.41 -16.92 -28.82
N THR A 504 6.59 -17.93 -29.12
CA THR A 504 6.89 -19.31 -28.72
C THR A 504 8.24 -19.75 -29.25
N THR A 505 8.50 -19.46 -30.53
CA THR A 505 9.77 -19.84 -31.15
C THR A 505 10.95 -19.21 -30.41
N GLN A 506 10.86 -17.91 -30.12
CA GLN A 506 11.94 -17.23 -29.42
C GLN A 506 12.00 -17.62 -27.95
N TRP A 507 10.87 -18.03 -27.37
CA TRP A 507 10.86 -18.44 -25.97
C TRP A 507 11.61 -19.76 -25.79
N ASP A 508 11.34 -20.73 -26.65
CA ASP A 508 12.03 -22.02 -26.56
C ASP A 508 13.52 -21.86 -26.83
N LYS A 509 13.91 -20.94 -27.71
CA LYS A 509 15.32 -20.64 -27.91
C LYS A 509 15.93 -20.04 -26.65
N PHE A 510 15.16 -19.24 -25.92
CA PHE A 510 15.66 -18.65 -24.68
C PHE A 510 15.81 -19.70 -23.58
N VAL A 511 14.86 -20.62 -23.47
CA VAL A 511 14.98 -21.70 -22.50
C VAL A 511 16.18 -22.59 -22.83
N LYS A 512 16.34 -22.91 -24.12
CA LYS A 512 17.39 -23.84 -24.55
C LYS A 512 18.78 -23.28 -24.22
N THR A 513 19.06 -22.05 -24.64
CA THR A 513 20.39 -21.48 -24.44
C THR A 513 20.68 -21.24 -22.96
N SER A 514 19.67 -20.82 -22.20
CA SER A 514 19.88 -20.55 -20.77
C SER A 514 20.18 -21.84 -20.02
N VAL A 515 19.36 -22.88 -20.22
CA VAL A 515 19.60 -24.16 -19.55
C VAL A 515 20.91 -24.77 -20.01
N GLU A 516 21.24 -24.63 -21.29
CA GLU A 516 22.53 -25.13 -21.78
C GLU A 516 23.71 -24.43 -21.12
N GLY A 517 23.56 -23.13 -20.83
CA GLY A 517 24.63 -22.39 -20.19
C GLY A 517 24.69 -22.48 -18.69
N LEU A 518 23.70 -23.10 -18.06
CA LEU A 518 23.66 -23.27 -16.61
C LEU A 518 23.81 -24.72 -16.18
N LYS A 519 23.05 -25.63 -16.80
CA LYS A 519 23.11 -27.03 -16.43
C LYS A 519 24.44 -27.63 -16.89
N PRO A 520 25.03 -28.54 -16.11
CA PRO A 520 26.27 -29.18 -16.53
C PRO A 520 26.04 -30.14 -17.70
N HIS A 521 27.13 -30.45 -18.39
CA HIS A 521 27.09 -31.32 -19.56
C HIS A 521 27.98 -32.55 -19.37
N LYS B 31 -26.08 11.83 -22.94
CA LYS B 31 -27.44 11.35 -22.96
C LYS B 31 -27.87 10.88 -21.56
N ALA B 32 -29.13 11.14 -21.21
CA ALA B 32 -29.65 10.72 -19.91
C ALA B 32 -29.61 9.20 -19.77
N ALA B 33 -29.74 8.46 -20.87
CA ALA B 33 -29.69 7.01 -20.81
C ALA B 33 -28.35 6.52 -20.28
N TYR B 34 -27.25 7.10 -20.76
CA TYR B 34 -25.93 6.77 -20.23
C TYR B 34 -25.84 7.14 -18.76
N LEU B 35 -26.35 8.32 -18.38
CA LEU B 35 -26.28 8.77 -17.00
C LEU B 35 -27.02 7.83 -16.06
N LEU B 36 -28.11 7.21 -16.52
CA LEU B 36 -28.84 6.27 -15.70
C LEU B 36 -28.04 5.00 -15.46
N LYS B 37 -27.40 4.47 -16.51
CA LYS B 37 -26.56 3.29 -16.35
C LYS B 37 -25.36 3.57 -15.45
N ARG B 38 -24.82 4.79 -15.50
CA ARG B 38 -23.69 5.14 -14.64
C ARG B 38 -24.10 5.18 -13.17
N ASN B 39 -25.21 5.84 -12.88
CA ASN B 39 -25.65 5.95 -11.49
C ASN B 39 -26.10 4.61 -10.93
N SER B 40 -26.70 3.75 -11.75
CA SER B 40 -27.04 2.41 -11.31
C SER B 40 -25.79 1.61 -10.93
N LEU B 41 -24.73 1.74 -11.73
CA LEU B 41 -23.51 1.00 -11.46
C LEU B 41 -22.86 1.45 -10.15
N ILE B 42 -22.81 2.77 -9.92
CA ILE B 42 -22.21 3.29 -8.69
C ILE B 42 -23.01 2.86 -7.47
N GLU B 43 -24.34 2.99 -7.56
CA GLU B 43 -25.19 2.53 -6.45
C GLU B 43 -25.12 1.03 -6.25
N GLU B 44 -24.72 0.29 -7.28
CA GLU B 44 -24.53 -1.16 -7.16
C GLU B 44 -23.21 -1.49 -6.49
N ASP B 45 -22.18 -0.66 -6.67
CA ASP B 45 -20.89 -0.89 -6.03
C ASP B 45 -20.88 -0.38 -4.60
N ALA B 46 -21.28 0.87 -4.38
CA ALA B 46 -21.27 1.48 -3.06
C ALA B 46 -22.29 0.85 -2.11
N SER B 47 -23.25 0.09 -2.62
CA SER B 47 -24.21 -0.59 -1.74
C SER B 47 -23.58 -1.71 -0.94
N ARG B 48 -22.34 -2.08 -1.24
CA ARG B 48 -21.66 -3.17 -0.56
C ARG B 48 -20.65 -2.70 0.47
N LYS B 49 -20.59 -1.40 0.74
CA LYS B 49 -19.69 -0.88 1.75
C LYS B 49 -20.15 -1.29 3.15
N LEU B 50 -19.26 -1.12 4.13
CA LEU B 50 -19.57 -1.46 5.50
C LEU B 50 -20.50 -0.41 6.08
N GLY B 51 -21.68 -0.84 6.53
CA GLY B 51 -22.69 0.07 7.02
C GLY B 51 -23.60 0.64 5.96
N ALA B 52 -23.55 0.12 4.74
CA ALA B 52 -24.40 0.63 3.66
C ALA B 52 -25.88 0.38 3.92
N LYS B 53 -26.22 -0.52 4.84
CA LYS B 53 -27.61 -0.80 5.19
C LYS B 53 -28.01 -0.18 6.52
N ILE B 54 -27.14 0.58 7.16
CA ILE B 54 -27.51 1.36 8.32
C ILE B 54 -28.49 2.45 7.92
N VAL B 55 -29.64 2.49 8.59
CA VAL B 55 -30.63 3.54 8.38
C VAL B 55 -30.45 4.59 9.46
N LEU B 56 -30.14 5.82 9.04
CA LEU B 56 -29.90 6.91 9.96
C LEU B 56 -31.20 7.66 10.21
N THR B 57 -31.47 7.94 11.48
CA THR B 57 -32.57 8.84 11.81
C THR B 57 -32.25 10.24 11.32
N ASN B 58 -33.30 11.07 11.20
CA ASN B 58 -33.11 12.42 10.71
C ASN B 58 -32.15 13.21 11.60
N GLU B 59 -32.12 12.91 12.90
CA GLU B 59 -31.13 13.52 13.78
C GLU B 59 -29.73 13.04 13.44
N GLU B 60 -29.56 11.74 13.17
CA GLU B 60 -28.25 11.20 12.84
C GLU B 60 -27.71 11.77 11.53
N LYS B 61 -28.61 12.10 10.60
CA LYS B 61 -28.17 12.60 9.29
C LYS B 61 -27.48 13.96 9.41
N VAL B 62 -27.86 14.76 10.40
CA VAL B 62 -27.22 16.08 10.57
C VAL B 62 -25.75 15.91 10.94
N LEU B 63 -25.45 15.00 11.86
CA LEU B 63 -24.07 14.73 12.23
C LEU B 63 -23.29 14.16 11.05
N ASP B 64 -23.91 13.28 10.28
CA ASP B 64 -23.26 12.72 9.10
C ASP B 64 -22.86 13.82 8.12
N ASP B 65 -23.68 14.88 8.01
CA ASP B 65 -23.39 15.96 7.10
C ASP B 65 -22.28 16.87 7.60
N PHE B 66 -22.18 17.06 8.92
CA PHE B 66 -21.11 17.88 9.48
C PHE B 66 -19.75 17.22 9.31
N ILE B 67 -19.68 15.89 9.43
CA ILE B 67 -18.42 15.20 9.21
C ILE B 67 -18.04 15.24 7.74
N LEU B 68 -18.97 14.88 6.86
CA LEU B 68 -18.68 14.82 5.43
C LEU B 68 -18.23 16.17 4.89
N ALA B 69 -18.69 17.26 5.49
CA ALA B 69 -18.31 18.59 5.02
C ALA B 69 -16.81 18.83 5.17
N GLU B 70 -16.27 18.61 6.37
CA GLU B 70 -14.83 18.80 6.58
C GLU B 70 -14.02 17.73 5.87
N LYS B 71 -14.55 16.51 5.77
CA LYS B 71 -13.87 15.44 5.06
C LYS B 71 -13.60 15.82 3.60
N ARG B 72 -14.63 16.28 2.90
CA ARG B 72 -14.46 16.60 1.48
C ARG B 72 -13.63 17.86 1.27
N LYS B 73 -13.69 18.80 2.20
CA LYS B 73 -12.89 20.02 2.07
C LYS B 73 -11.40 19.71 2.09
N LEU B 74 -10.96 18.84 3.00
CA LEU B 74 -9.54 18.50 3.08
C LEU B 74 -9.12 17.59 1.93
N ILE B 75 -10.00 16.69 1.49
CA ILE B 75 -9.69 15.83 0.36
C ILE B 75 -9.49 16.67 -0.90
N ASP B 76 -10.41 17.60 -1.15
CA ASP B 76 -10.45 18.35 -2.40
C ASP B 76 -9.51 19.54 -2.41
N ASP B 77 -9.14 20.08 -1.25
CA ASP B 77 -8.12 21.12 -1.22
C ASP B 77 -6.77 20.55 -1.63
N SER B 78 -6.50 19.30 -1.26
CA SER B 78 -5.22 18.68 -1.56
C SER B 78 -5.16 18.10 -2.97
N ARG B 79 -6.29 17.64 -3.49
CA ARG B 79 -6.30 17.10 -4.85
C ARG B 79 -6.11 18.20 -5.89
N LEU B 80 -6.69 19.37 -5.65
CA LEU B 80 -6.76 20.45 -6.64
C LEU B 80 -5.71 21.54 -6.41
N ASN B 81 -5.57 22.07 -5.18
CA ASN B 81 -4.48 22.99 -4.91
C ASN B 81 -3.12 22.30 -4.92
N GLN B 82 -3.10 20.96 -4.95
CA GLN B 82 -1.89 20.15 -4.96
C GLN B 82 -1.03 20.43 -3.73
N THR B 83 -1.60 20.09 -2.57
CA THR B 83 -0.92 20.22 -1.29
C THR B 83 -1.02 18.89 -0.54
N GLU B 84 -0.43 18.84 0.65
CA GLU B 84 -0.35 17.59 1.39
C GLU B 84 -1.64 17.31 2.15
N TYR B 85 -2.07 16.05 2.11
CA TYR B 85 -3.26 15.58 2.84
C TYR B 85 -2.78 15.04 4.18
N MET B 86 -2.72 15.93 5.18
CA MET B 86 -2.21 15.65 6.51
C MET B 86 -2.85 14.43 7.18
N PRO B 87 -4.16 14.15 6.98
CA PRO B 87 -4.73 12.93 7.58
C PRO B 87 -3.98 11.66 7.20
N ALA B 88 -3.30 11.62 6.04
CA ALA B 88 -2.58 10.44 5.61
C ALA B 88 -1.08 10.55 5.84
N ALA B 89 -0.63 11.54 6.61
CA ALA B 89 0.79 11.73 6.86
C ALA B 89 1.23 10.92 8.08
N SER B 90 2.52 11.04 8.42
CA SER B 90 3.03 10.42 9.63
C SER B 90 2.29 10.98 10.84
N PHE B 91 1.98 10.10 11.81
CA PHE B 91 1.22 10.54 12.97
C PHE B 91 1.98 11.56 13.81
N TYR B 92 3.30 11.63 13.67
CA TYR B 92 4.05 12.71 14.30
C TYR B 92 3.61 14.06 13.78
N ARG B 93 3.35 14.16 12.47
CA ARG B 93 3.00 15.42 11.83
C ARG B 93 1.50 15.63 11.74
N SER B 94 0.71 14.57 11.73
CA SER B 94 -0.74 14.72 11.63
C SER B 94 -1.40 14.95 12.99
N LYS B 95 -0.75 14.55 14.08
CA LYS B 95 -1.39 14.64 15.39
C LYS B 95 -1.69 16.10 15.76
N ASP B 96 -0.73 17.00 15.53
CA ASP B 96 -0.96 18.40 15.80
C ASP B 96 -2.11 18.95 14.97
N PHE B 97 -2.17 18.57 13.69
CA PHE B 97 -3.25 19.01 12.82
C PHE B 97 -4.59 18.43 13.27
N ILE B 98 -4.63 17.13 13.56
CA ILE B 98 -5.89 16.45 13.89
C ILE B 98 -6.54 17.07 15.12
N ASP B 99 -5.73 17.55 16.07
CA ASP B 99 -6.26 18.13 17.31
C ASP B 99 -6.75 19.57 17.14
N THR B 100 -6.89 20.05 15.89
CA THR B 100 -7.53 21.34 15.62
C THR B 100 -8.62 21.21 14.57
N THR B 101 -9.17 20.01 14.39
CA THR B 101 -10.21 19.75 13.40
C THR B 101 -11.54 19.54 14.11
N PHE B 102 -12.62 20.04 13.49
CA PHE B 102 -13.95 19.96 14.09
C PHE B 102 -14.50 18.54 14.10
N ALA B 103 -13.98 17.65 13.25
CA ALA B 103 -14.48 16.29 13.19
C ALA B 103 -13.94 15.43 14.32
N TYR B 104 -12.70 15.66 14.74
CA TYR B 104 -12.12 14.86 15.82
C TYR B 104 -12.88 15.03 17.12
N LYS B 105 -13.43 16.22 17.38
CA LYS B 105 -14.23 16.42 18.57
C LYS B 105 -15.56 15.68 18.50
N ILE B 106 -16.14 15.55 17.30
CA ILE B 106 -17.35 14.77 17.14
C ILE B 106 -17.08 13.31 17.46
N ILE B 107 -15.95 12.78 16.97
CA ILE B 107 -15.59 11.38 17.24
C ILE B 107 -15.19 11.20 18.70
N GLN B 108 -14.49 12.19 19.27
CA GLN B 108 -14.12 12.12 20.69
C GLN B 108 -15.33 11.90 21.58
N ASP B 109 -16.49 12.45 21.18
CA ASP B 109 -17.71 12.38 21.97
C ASP B 109 -18.59 11.20 21.64
N MET B 110 -18.13 10.29 20.76
CA MET B 110 -18.97 9.23 20.25
C MET B 110 -18.77 7.95 21.05
N PRO B 111 -19.85 7.30 21.50
CA PRO B 111 -19.70 5.97 22.10
C PRO B 111 -19.33 4.94 21.03
N LYS B 112 -18.07 4.52 21.04
CA LYS B 112 -17.50 3.72 19.97
C LYS B 112 -17.71 2.23 20.15
N GLY B 113 -18.36 1.81 21.21
CA GLY B 113 -18.58 0.39 21.47
C GLY B 113 -17.43 -0.22 22.26
N GLY B 114 -16.70 -1.13 21.62
CA GLY B 114 -15.65 -1.86 22.31
C GLY B 114 -14.33 -1.81 21.55
N ALA B 115 -13.24 -1.78 22.31
CA ALA B 115 -11.88 -1.89 21.79
C ALA B 115 -11.41 -3.32 22.01
N LEU B 116 -11.16 -4.04 20.93
CA LEU B 116 -10.95 -5.47 20.99
C LEU B 116 -9.52 -5.92 20.73
N HIS B 117 -8.58 -5.00 20.52
CA HIS B 117 -7.17 -5.37 20.34
C HIS B 117 -6.32 -4.39 21.14
N LEU B 118 -6.07 -4.73 22.40
CA LEU B 118 -5.27 -3.90 23.28
C LEU B 118 -4.16 -4.73 23.91
N HIS B 119 -3.04 -4.09 24.18
CA HIS B 119 -1.94 -4.68 24.94
C HIS B 119 -1.75 -3.86 26.20
N ASP B 120 -1.81 -4.55 27.35
CA ASP B 120 -2.00 -3.87 28.62
C ASP B 120 -0.85 -2.92 28.94
N THR B 121 0.39 -3.32 28.66
CA THR B 121 1.54 -2.51 29.05
C THR B 121 1.68 -1.22 28.25
N ALA B 122 0.76 -0.92 27.33
CA ALA B 122 0.84 0.33 26.58
C ALA B 122 -0.55 0.90 26.29
N SER B 123 -1.54 0.54 27.11
CA SER B 123 -2.90 1.02 26.91
C SER B 123 -3.25 2.19 27.83
N ALA B 124 -2.26 2.79 28.50
CA ALA B 124 -2.46 3.99 29.30
C ALA B 124 -1.28 4.93 29.09
N ARG B 125 -1.44 6.17 29.55
CA ARG B 125 -0.50 7.23 29.18
C ARG B 125 0.87 7.02 29.80
N ILE B 126 1.90 7.42 29.05
CA ILE B 126 3.24 7.57 29.62
C ILE B 126 3.24 8.65 30.70
N ASP B 127 2.37 9.65 30.56
CA ASP B 127 2.31 10.75 31.52
C ASP B 127 1.95 10.25 32.91
N TRP B 128 1.11 9.22 33.00
CA TRP B 128 0.78 8.65 34.31
C TRP B 128 2.00 8.04 34.97
N ILE B 129 2.92 7.47 34.18
CA ILE B 129 4.12 6.87 34.74
C ILE B 129 5.06 7.95 35.27
N VAL B 130 5.14 9.09 34.58
CA VAL B 130 6.06 10.13 35.01
C VAL B 130 5.50 10.90 36.21
N SER B 131 4.21 11.18 36.23
CA SER B 131 3.65 12.03 37.28
C SER B 131 3.27 11.26 38.54
N ASN B 132 2.82 10.00 38.39
CA ASN B 132 2.53 9.14 39.54
C ASN B 132 3.69 8.18 39.83
N ALA B 133 4.06 7.34 38.86
CA ALA B 133 4.91 6.19 39.16
C ALA B 133 6.32 6.61 39.57
N THR B 134 6.96 7.47 38.78
CA THR B 134 8.32 7.91 39.10
C THR B 134 8.35 8.92 40.23
N TYR B 135 7.21 9.20 40.85
CA TYR B 135 7.15 9.96 42.10
C TYR B 135 6.88 9.08 43.31
N ARG B 136 6.68 7.78 43.10
CA ARG B 136 6.60 6.86 44.22
C ARG B 136 7.98 6.59 44.79
N ASP B 137 8.02 5.97 45.96
CA ASP B 137 9.28 5.63 46.60
C ASP B 137 9.80 4.30 46.06
N HIS B 138 11.12 4.11 46.22
CA HIS B 138 11.83 2.91 45.77
C HIS B 138 11.93 2.82 44.25
N VAL B 139 11.97 3.95 43.57
CA VAL B 139 12.09 3.98 42.11
C VAL B 139 13.48 4.50 41.76
N TYR B 140 14.24 3.68 41.03
CA TYR B 140 15.56 4.04 40.54
C TYR B 140 15.53 4.20 39.02
N MET B 141 16.49 4.96 38.50
CA MET B 141 16.60 5.23 37.08
C MET B 141 18.05 5.10 36.66
N CYS B 142 18.27 4.90 35.36
CA CYS B 142 19.62 4.77 34.84
C CYS B 142 19.62 4.95 33.33
N MET B 143 20.75 5.38 32.80
CA MET B 143 20.94 5.52 31.36
C MET B 143 21.70 4.30 30.86
N ASP B 144 21.03 3.47 30.06
CA ASP B 144 21.67 2.26 29.57
C ASP B 144 22.71 2.63 28.49
N GLN B 145 23.35 1.59 27.95
CA GLN B 145 24.48 1.80 27.05
C GLN B 145 24.06 2.39 25.71
N ASP B 146 22.76 2.45 25.41
CA ASP B 146 22.27 3.03 24.17
C ASP B 146 21.76 4.46 24.34
N ASN B 147 22.01 5.08 25.49
CA ASN B 147 21.54 6.44 25.81
C ASN B 147 20.02 6.50 25.91
N PHE B 148 19.42 5.47 26.48
CA PHE B 148 17.99 5.43 26.76
C PHE B 148 17.77 5.28 28.27
N VAL B 149 16.68 5.85 28.75
CA VAL B 149 16.37 5.85 30.18
C VAL B 149 15.68 4.55 30.55
N ARG B 150 16.01 4.02 31.72
CA ARG B 150 15.38 2.82 32.25
C ARG B 150 14.91 3.08 33.66
N LEU B 151 13.75 2.50 34.01
CA LEU B 151 13.14 2.68 35.31
C LEU B 151 12.85 1.32 35.94
N THR B 152 13.04 1.22 37.25
CA THR B 152 12.77 -0.02 37.95
C THR B 152 12.46 0.27 39.41
N VAL B 153 11.85 -0.71 40.08
CA VAL B 153 11.49 -0.61 41.49
C VAL B 153 12.26 -1.67 42.26
N SER B 154 12.97 -1.24 43.29
CA SER B 154 13.66 -2.16 44.20
C SER B 154 13.54 -1.61 45.61
N GLY B 155 12.71 -2.25 46.43
CA GLY B 155 12.58 -1.84 47.80
C GLY B 155 13.66 -2.35 48.73
N THR B 156 14.57 -3.17 48.21
CA THR B 156 15.65 -3.76 49.00
C THR B 156 16.99 -3.10 48.74
N GLY B 157 16.99 -1.79 48.47
CA GLY B 157 18.21 -1.07 48.20
C GLY B 157 18.44 -0.86 46.72
N PRO B 158 19.67 -0.49 46.35
CA PRO B 158 19.96 -0.25 44.94
C PRO B 158 19.77 -1.52 44.13
N PRO B 159 19.44 -1.37 42.84
CA PRO B 159 19.09 -2.53 42.02
C PRO B 159 20.24 -3.51 41.84
N ALA B 160 19.86 -4.77 41.58
CA ALA B 160 20.81 -5.87 41.44
C ALA B 160 21.33 -5.93 40.00
N ASN B 161 22.15 -4.93 39.67
CA ASN B 161 22.87 -4.87 38.41
C ASN B 161 23.91 -3.77 38.53
N SER B 162 24.92 -3.83 37.66
CA SER B 162 25.94 -2.80 37.64
C SER B 162 26.38 -2.38 36.25
N GLY B 163 25.82 -2.96 35.19
CA GLY B 163 26.00 -2.39 33.86
C GLY B 163 25.37 -1.03 33.70
N CYS B 164 24.64 -0.57 34.71
CA CYS B 164 24.03 0.74 34.78
C CYS B 164 24.30 1.29 36.17
N GLU B 165 24.64 2.57 36.27
CA GLU B 165 24.76 3.22 37.57
C GLU B 165 23.37 3.74 37.96
N TRP B 166 22.64 2.93 38.71
CA TRP B 166 21.29 3.30 39.11
C TRP B 166 21.32 4.42 40.14
N LYS B 167 20.46 5.42 39.94
CA LYS B 167 20.34 6.55 40.83
C LYS B 167 18.87 6.72 41.20
N LEU B 168 18.62 7.29 42.37
CA LEU B 168 17.25 7.54 42.78
C LEU B 168 16.64 8.66 41.95
N VAL B 169 15.45 8.42 41.41
CA VAL B 169 14.77 9.42 40.59
C VAL B 169 14.58 10.70 41.38
N GLU B 170 14.36 10.59 42.69
CA GLU B 170 14.21 11.76 43.54
C GLU B 170 15.47 12.62 43.52
N THR B 171 16.64 11.98 43.66
CA THR B 171 17.89 12.73 43.73
C THR B 171 18.24 13.37 42.39
N GLU B 172 18.13 12.62 41.31
CA GLU B 172 18.42 13.18 39.98
C GLU B 172 17.44 14.29 39.63
N ARG B 173 16.19 14.17 40.10
CA ARG B 173 15.22 15.24 39.88
C ARG B 173 15.54 16.46 40.73
N ALA B 174 16.02 16.25 41.96
CA ALA B 174 16.32 17.36 42.85
C ALA B 174 17.51 18.17 42.35
N ASN B 175 18.58 17.51 41.93
CA ASN B 175 19.80 18.18 41.49
C ASN B 175 19.67 18.80 40.11
N SER B 176 18.48 18.86 39.55
CA SER B 176 18.24 19.51 38.27
C SER B 176 17.68 20.90 38.50
N GLY B 177 18.12 21.85 37.66
CA GLY B 177 17.66 23.22 37.78
C GLY B 177 16.22 23.44 37.35
N ASP B 178 15.52 22.40 36.95
CA ASP B 178 14.13 22.51 36.54
C ASP B 178 13.46 21.18 36.75
N ILE B 179 12.44 21.15 37.62
CA ILE B 179 11.74 19.90 37.91
C ILE B 179 10.86 19.49 36.73
N ALA B 180 10.38 20.46 35.95
CA ALA B 180 9.57 20.16 34.78
C ALA B 180 10.43 19.65 33.61
N ALA B 181 11.63 20.20 33.44
CA ALA B 181 12.50 19.74 32.36
C ALA B 181 12.89 18.28 32.54
N PHE B 182 13.19 17.88 33.78
CA PHE B 182 13.50 16.48 34.06
C PHE B 182 12.31 15.58 33.76
N ASP B 183 11.11 16.00 34.16
CA ASP B 183 9.91 15.19 33.98
C ASP B 183 9.35 15.28 32.56
N HIS B 184 9.86 16.18 31.73
CA HIS B 184 9.55 16.14 30.31
C HIS B 184 10.58 15.35 29.53
N TRP B 185 11.86 15.43 29.96
CA TRP B 185 12.90 14.60 29.37
C TRP B 185 12.66 13.13 29.69
N LEU B 186 12.13 12.84 30.89
CA LEU B 186 11.84 11.45 31.24
C LEU B 186 10.82 10.84 30.29
N LYS B 187 9.88 11.65 29.79
CA LYS B 187 8.95 11.17 28.77
C LYS B 187 9.58 11.24 27.38
N SER B 188 10.31 12.32 27.09
CA SER B 188 10.89 12.48 25.76
C SER B 188 11.94 11.42 25.45
N ASN B 189 12.67 10.93 26.45
CA ASN B 189 13.67 9.92 26.21
C ASN B 189 13.14 8.49 26.38
N ILE B 190 11.84 8.31 26.61
CA ILE B 190 11.23 6.99 26.61
C ILE B 190 10.02 6.89 25.70
N SER B 191 9.64 7.95 24.98
CA SER B 191 8.48 7.92 24.11
C SER B 191 8.90 7.84 22.65
N LEU B 192 7.96 7.40 21.81
CA LEU B 192 8.24 7.15 20.39
C LEU B 192 7.83 8.30 19.47
N LEU B 193 7.05 9.27 19.96
CA LEU B 193 6.62 10.41 19.15
C LEU B 193 7.41 11.67 19.44
N THR B 194 8.55 11.56 20.11
CA THR B 194 9.38 12.72 20.38
C THR B 194 10.13 13.17 19.13
N THR B 195 10.42 12.23 18.24
CA THR B 195 10.96 12.50 16.92
C THR B 195 10.11 11.74 15.91
N ASP B 196 10.03 12.26 14.69
CA ASP B 196 9.24 11.60 13.66
C ASP B 196 9.78 10.18 13.48
N PRO B 197 9.01 9.17 13.89
CA PRO B 197 9.53 7.79 13.84
C PRO B 197 9.89 7.36 12.43
N LEU B 198 9.24 7.92 11.41
CA LEU B 198 9.50 7.52 10.04
C LEU B 198 10.75 8.13 9.44
N VAL B 199 11.40 9.07 10.14
CA VAL B 199 12.63 9.70 9.66
C VAL B 199 13.83 9.29 10.49
N THR B 200 13.65 9.12 11.80
CA THR B 200 14.78 8.78 12.67
C THR B 200 15.01 7.29 12.77
N TYR B 201 13.96 6.48 12.61
CA TYR B 201 14.06 5.01 12.65
C TYR B 201 13.40 4.47 11.39
N PRO B 202 14.03 4.68 10.23
CA PRO B 202 13.31 4.50 8.95
C PRO B 202 13.05 3.04 8.59
N SER B 203 13.88 2.10 9.05
CA SER B 203 13.73 0.71 8.65
C SER B 203 12.81 -0.02 9.63
N LEU B 204 12.17 -1.09 9.13
CA LEU B 204 11.34 -1.92 9.99
C LEU B 204 12.15 -2.48 11.15
N ASP B 205 13.41 -2.84 10.90
CA ASP B 205 14.29 -3.26 11.98
C ASP B 205 14.50 -2.15 12.99
N LYS B 206 14.71 -0.92 12.50
CA LYS B 206 15.09 0.17 13.40
C LYS B 206 13.91 0.62 14.27
N VAL B 207 12.72 0.74 13.68
CA VAL B 207 11.57 1.19 14.46
C VAL B 207 11.13 0.12 15.44
N TRP B 208 11.14 -1.15 15.02
CA TRP B 208 10.82 -2.23 15.95
C TRP B 208 11.87 -2.36 17.04
N GLY B 209 13.10 -1.93 16.77
CA GLY B 209 14.10 -1.88 17.82
C GLY B 209 13.74 -0.87 18.89
N ARG B 210 13.30 0.32 18.47
CA ARG B 210 12.85 1.32 19.42
C ARG B 210 11.58 0.88 20.13
N PHE B 211 10.69 0.19 19.40
CA PHE B 211 9.46 -0.31 20.02
C PHE B 211 9.76 -1.33 21.10
N ASP B 212 10.73 -2.22 20.86
CA ASP B 212 11.14 -3.18 21.89
C ASP B 212 11.86 -2.48 23.03
N LYS B 213 12.68 -1.48 22.71
CA LYS B 213 13.37 -0.73 23.75
C LYS B 213 12.38 -0.04 24.68
N HIS B 214 11.27 0.46 24.12
CA HIS B 214 10.24 1.12 24.92
C HIS B 214 9.78 0.23 26.07
N PHE B 215 9.52 -1.04 25.79
CA PHE B 215 8.99 -1.93 26.82
C PHE B 215 10.05 -2.33 27.83
N SER B 216 11.30 -2.50 27.40
CA SER B 216 12.36 -2.83 28.35
C SER B 216 12.66 -1.65 29.27
N GLN B 217 12.41 -0.42 28.80
CA GLN B 217 12.59 0.75 29.66
C GLN B 217 11.64 0.73 30.84
N LEU B 218 10.42 0.23 30.62
CA LEU B 218 9.34 0.34 31.59
C LEU B 218 9.05 -0.94 32.34
N ARG B 219 9.70 -2.06 32.00
CA ARG B 219 9.31 -3.35 32.56
C ARG B 219 9.52 -3.38 34.07
N GLY B 220 10.61 -2.79 34.55
CA GLY B 220 10.90 -2.80 35.97
C GLY B 220 9.94 -2.01 36.83
N ILE B 221 9.10 -1.17 36.23
CA ILE B 221 8.18 -0.33 36.98
C ILE B 221 6.72 -0.63 36.70
N ILE B 222 6.38 -1.18 35.53
CA ILE B 222 4.98 -1.52 35.24
C ILE B 222 4.58 -2.87 35.80
N TYR B 223 5.54 -3.70 36.20
CA TYR B 223 5.23 -5.01 36.76
C TYR B 223 5.28 -5.04 38.28
N HIS B 224 5.51 -3.90 38.94
CA HIS B 224 5.34 -3.85 40.39
C HIS B 224 3.85 -3.93 40.70
N THR B 225 3.47 -4.86 41.59
CA THR B 225 2.07 -5.18 41.80
C THR B 225 1.20 -3.97 42.12
N PRO B 226 1.58 -3.05 43.02
CA PRO B 226 0.74 -1.85 43.20
C PRO B 226 0.67 -0.97 41.95
N ILE B 227 1.81 -0.74 41.30
CA ILE B 227 1.86 0.14 40.14
C ILE B 227 1.08 -0.45 38.96
N ARG B 228 1.12 -1.77 38.80
CA ARG B 228 0.38 -2.39 37.71
C ARG B 228 -1.13 -2.34 37.95
N ARG B 229 -1.55 -2.62 39.18
CA ARG B 229 -2.97 -2.58 39.51
C ARG B 229 -3.55 -1.19 39.29
N ASP B 230 -2.74 -0.15 39.49
CA ASP B 230 -3.21 1.22 39.27
C ASP B 230 -3.10 1.64 37.81
N TYR B 231 -2.12 1.10 37.08
CA TYR B 231 -2.04 1.35 35.64
C TYR B 231 -3.24 0.77 34.91
N TYR B 232 -3.66 -0.44 35.30
CA TYR B 232 -4.87 -1.03 34.72
C TYR B 232 -6.11 -0.20 35.04
N ARG B 233 -6.19 0.30 36.27
CA ARG B 233 -7.27 1.22 36.61
C ARG B 233 -7.24 2.46 35.73
N GLN B 234 -6.03 2.96 35.45
CA GLN B 234 -5.91 4.09 34.54
C GLN B 234 -6.38 3.73 33.14
N ILE B 235 -6.18 2.48 32.73
CA ILE B 235 -6.66 2.04 31.42
C ILE B 235 -8.17 2.16 31.33
N LEU B 236 -8.88 1.60 32.32
CA LEU B 236 -10.33 1.58 32.26
C LEU B 236 -10.90 3.00 32.38
N GLU B 237 -10.29 3.84 33.21
CA GLU B 237 -10.74 5.22 33.33
C GLU B 237 -10.49 5.98 32.03
N GLU B 238 -9.35 5.74 31.37
CA GLU B 238 -9.01 6.48 30.16
C GLU B 238 -9.86 6.03 28.98
N PHE B 239 -10.13 4.73 28.87
CA PHE B 239 -10.94 4.25 27.76
C PHE B 239 -12.41 4.62 27.94
N ARG B 240 -12.88 4.72 29.18
CA ARG B 240 -14.24 5.21 29.42
C ARG B 240 -14.33 6.71 29.16
N SER B 241 -13.28 7.46 29.50
CA SER B 241 -13.25 8.90 29.24
C SER B 241 -13.12 9.23 27.77
N ASP B 242 -12.85 8.24 26.92
CA ASP B 242 -12.92 8.40 25.47
C ASP B 242 -14.18 7.75 24.90
N ASN B 243 -15.20 7.56 25.75
CA ASN B 243 -16.50 7.03 25.33
C ASN B 243 -16.39 5.66 24.67
N VAL B 244 -15.49 4.82 25.20
CA VAL B 244 -15.41 3.41 24.85
C VAL B 244 -15.93 2.62 26.04
N GLN B 245 -16.90 1.75 25.79
CA GLN B 245 -17.66 1.13 26.86
C GLN B 245 -17.24 -0.30 27.16
N TYR B 246 -16.38 -0.91 26.34
CA TYR B 246 -16.01 -2.31 26.51
C TYR B 246 -14.59 -2.50 26.00
N VAL B 247 -13.81 -3.33 26.69
CA VAL B 247 -12.43 -3.58 26.30
C VAL B 247 -12.13 -5.07 26.48
N GLU B 248 -11.40 -5.63 25.53
CA GLU B 248 -10.87 -6.99 25.62
C GLU B 248 -9.35 -6.88 25.51
N VAL B 249 -8.68 -6.92 26.65
CA VAL B 249 -7.25 -6.63 26.76
C VAL B 249 -6.46 -7.93 26.75
N ARG B 250 -5.33 -7.92 26.05
CA ARG B 250 -4.38 -9.03 26.06
C ARG B 250 -3.26 -8.72 27.04
N SER B 251 -2.90 -9.69 27.87
CA SER B 251 -1.92 -9.47 28.92
C SER B 251 -1.09 -10.73 29.13
N SER B 252 0.15 -10.53 29.57
CA SER B 252 0.98 -11.65 29.99
C SER B 252 0.45 -12.25 31.30
N LEU B 253 -0.13 -11.42 32.16
CA LEU B 253 -0.89 -11.83 33.35
C LEU B 253 -0.02 -12.42 34.46
N SER B 254 1.29 -12.58 34.23
CA SER B 254 2.16 -13.21 35.20
C SER B 254 3.43 -12.40 35.38
N GLY B 255 4.02 -12.49 36.56
CA GLY B 255 5.27 -11.83 36.87
C GLY B 255 5.17 -10.60 37.73
N PHE B 256 3.98 -10.24 38.21
CA PHE B 256 3.85 -9.10 39.10
C PHE B 256 4.65 -9.34 40.38
N PHE B 257 5.54 -8.41 40.69
CA PHE B 257 6.45 -8.58 41.81
C PHE B 257 6.18 -7.53 42.89
N GLU B 258 6.46 -7.90 44.13
CA GLU B 258 6.27 -7.02 45.28
C GLU B 258 7.60 -6.41 45.69
N LEU B 259 7.54 -5.51 46.66
CA LEU B 259 8.76 -4.87 47.16
C LEU B 259 9.72 -5.87 47.79
N ASP B 260 9.18 -6.91 48.43
CA ASP B 260 10.04 -7.93 49.02
C ASP B 260 10.65 -8.86 47.98
N GLY B 261 10.05 -8.97 46.79
CA GLY B 261 10.56 -9.82 45.74
C GLY B 261 9.62 -10.91 45.27
N THR B 262 8.53 -11.17 45.99
CA THR B 262 7.60 -12.23 45.63
C THR B 262 7.08 -12.05 44.21
N VAL B 263 7.31 -13.06 43.36
CA VAL B 263 6.81 -13.08 41.99
C VAL B 263 5.59 -13.99 41.95
N HIS B 264 4.52 -13.51 41.34
CA HIS B 264 3.23 -14.19 41.37
C HIS B 264 3.00 -15.01 40.10
N ASP B 265 1.89 -15.74 40.10
CA ASP B 265 1.47 -16.57 38.98
C ASP B 265 0.44 -15.81 38.14
N ALA B 266 -0.19 -16.52 37.21
CA ALA B 266 -1.19 -15.89 36.34
C ALA B 266 -2.52 -15.66 37.05
N GLU B 267 -2.98 -16.63 37.83
CA GLU B 267 -4.31 -16.50 38.45
C GLU B 267 -4.36 -15.33 39.42
N PHE B 268 -3.22 -14.97 40.02
CA PHE B 268 -3.17 -13.75 40.82
C PHE B 268 -3.45 -12.53 39.97
N GLY B 269 -2.83 -12.47 38.78
CA GLY B 269 -3.07 -11.34 37.90
C GLY B 269 -4.50 -11.28 37.39
N LEU B 270 -5.06 -12.43 37.02
CA LEU B 270 -6.44 -12.46 36.54
C LEU B 270 -7.40 -11.99 37.62
N ASN B 271 -7.17 -12.39 38.87
CA ASN B 271 -8.02 -11.91 39.96
C ASN B 271 -7.73 -10.47 40.31
N LEU B 272 -6.49 -10.01 40.09
CA LEU B 272 -6.18 -8.60 40.28
C LEU B 272 -6.95 -7.74 39.29
N TYR B 273 -6.96 -8.15 38.01
CA TYR B 273 -7.74 -7.43 37.01
C TYR B 273 -9.23 -7.57 37.27
N LYS B 274 -9.67 -8.76 37.71
CA LYS B 274 -11.09 -8.99 37.91
C LYS B 274 -11.65 -8.14 39.05
N SER B 275 -10.87 -7.96 40.13
CA SER B 275 -11.34 -7.14 41.23
C SER B 275 -11.46 -5.68 40.82
N VAL B 276 -10.44 -5.15 40.14
CA VAL B 276 -10.48 -3.76 39.70
C VAL B 276 -11.62 -3.54 38.72
N THR B 277 -11.82 -4.47 37.80
CA THR B 277 -12.90 -4.34 36.81
C THR B 277 -14.26 -4.29 37.48
N GLU B 278 -14.50 -5.15 38.48
CA GLU B 278 -15.82 -5.19 39.11
C GLU B 278 -16.06 -3.99 40.01
N GLU B 279 -15.00 -3.43 40.60
CA GLU B 279 -15.15 -2.15 41.28
C GLU B 279 -15.47 -1.04 40.27
N PHE B 280 -14.90 -1.14 39.07
CA PHE B 280 -15.17 -0.16 38.02
C PHE B 280 -16.62 -0.26 37.54
N GLN B 281 -17.08 -1.47 37.24
CA GLN B 281 -18.45 -1.65 36.75
C GLN B 281 -19.47 -1.14 37.76
N ARG B 282 -19.18 -1.25 39.05
CA ARG B 282 -20.12 -0.78 40.07
C ARG B 282 -20.10 0.74 40.20
N GLU B 283 -18.91 1.36 40.10
CA GLU B 283 -18.84 2.80 40.23
C GLU B 283 -19.49 3.51 39.05
N TYR B 284 -19.26 3.03 37.83
CA TYR B 284 -19.80 3.63 36.62
C TYR B 284 -20.73 2.61 35.98
N PRO B 285 -22.03 2.63 36.32
CA PRO B 285 -22.96 1.64 35.75
C PRO B 285 -23.20 1.80 34.26
N ASP B 286 -22.74 2.89 33.66
CA ASP B 286 -22.81 3.07 32.21
C ASP B 286 -21.81 2.20 31.46
N PHE B 287 -20.79 1.68 32.15
CA PHE B 287 -19.78 0.84 31.54
C PHE B 287 -20.31 -0.57 31.34
N ILE B 288 -19.81 -1.24 30.29
CA ILE B 288 -20.25 -2.60 29.99
C ILE B 288 -19.38 -3.63 30.69
N GLY B 289 -18.07 -3.54 30.57
CA GLY B 289 -17.17 -4.42 31.28
C GLY B 289 -15.89 -4.65 30.50
N ALA B 290 -15.10 -5.61 31.01
CA ALA B 290 -13.83 -5.97 30.42
C ALA B 290 -13.63 -7.48 30.52
N LYS B 291 -12.86 -8.02 29.57
CA LYS B 291 -12.51 -9.44 29.57
C LYS B 291 -11.06 -9.58 29.08
N ILE B 292 -10.43 -10.69 29.47
CA ILE B 292 -8.98 -10.83 29.38
C ILE B 292 -8.60 -11.98 28.46
N ILE B 293 -7.51 -11.79 27.73
CA ILE B 293 -6.92 -12.80 26.84
C ILE B 293 -5.45 -12.95 27.18
N LEU B 294 -5.00 -14.18 27.40
CA LEU B 294 -3.61 -14.44 27.77
C LEU B 294 -2.70 -14.36 26.55
N SER B 295 -1.50 -13.80 26.74
CA SER B 295 -0.56 -13.56 25.65
C SER B 295 0.79 -14.18 25.98
N GLY B 296 1.36 -14.88 24.99
CA GLY B 296 2.71 -15.41 25.09
C GLY B 296 3.57 -14.93 23.94
N LEU B 297 4.89 -14.96 24.10
CA LEU B 297 5.79 -14.39 23.11
C LEU B 297 6.18 -15.42 22.06
N ARG B 298 6.48 -14.93 20.85
CA ARG B 298 6.77 -15.78 19.71
C ARG B 298 8.19 -16.32 19.68
N PHE B 299 9.03 -15.96 20.66
CA PHE B 299 10.43 -16.41 20.66
C PHE B 299 10.74 -17.35 21.83
N LYS B 300 9.72 -17.94 22.44
CA LYS B 300 9.91 -18.85 23.56
C LYS B 300 9.70 -20.29 23.13
N SER B 301 10.29 -21.22 23.89
CA SER B 301 10.33 -22.61 23.48
C SER B 301 8.95 -23.23 23.46
N GLN B 302 8.80 -24.28 22.64
CA GLN B 302 7.53 -25.00 22.57
C GLN B 302 7.12 -25.54 23.93
N GLU B 303 8.08 -25.87 24.79
CA GLU B 303 7.76 -26.32 26.14
C GLU B 303 7.07 -25.21 26.94
N GLU B 304 7.64 -24.00 26.91
CA GLU B 304 7.05 -22.88 27.64
C GLU B 304 5.66 -22.56 27.13
N ILE B 305 5.49 -22.55 25.81
CA ILE B 305 4.19 -22.22 25.22
C ILE B 305 3.16 -23.28 25.58
N LEU B 306 3.56 -24.54 25.68
CA LEU B 306 2.64 -25.60 26.09
C LEU B 306 2.11 -25.38 27.49
N ASN B 307 2.99 -25.00 28.42
CA ASN B 307 2.54 -24.72 29.79
C ASN B 307 1.55 -23.57 29.82
N GLU B 308 1.78 -22.55 28.98
CA GLU B 308 0.85 -21.42 28.93
C GLU B 308 -0.49 -21.85 28.37
N VAL B 309 -0.50 -22.75 27.37
CA VAL B 309 -1.75 -23.27 26.84
C VAL B 309 -2.52 -24.02 27.92
N LYS B 310 -1.81 -24.75 28.78
CA LYS B 310 -2.48 -25.52 29.84
C LYS B 310 -3.06 -24.60 30.91
N ILE B 311 -2.31 -23.57 31.30
CA ILE B 311 -2.83 -22.60 32.26
C ILE B 311 -4.06 -21.89 31.69
N ALA B 312 -4.09 -21.66 30.38
CA ALA B 312 -5.23 -21.00 29.77
C ALA B 312 -6.47 -21.89 29.78
N MET B 313 -6.30 -23.20 29.59
CA MET B 313 -7.45 -24.11 29.62
C MET B 313 -8.13 -24.09 30.98
N ASP B 314 -7.34 -24.16 32.06
CA ASP B 314 -7.91 -24.18 33.40
C ASP B 314 -8.52 -22.84 33.78
N LEU B 315 -7.86 -21.73 33.41
CA LEU B 315 -8.43 -20.42 33.69
C LEU B 315 -9.75 -20.21 32.97
N HIS B 316 -9.91 -20.81 31.77
CA HIS B 316 -11.17 -20.71 31.06
C HIS B 316 -12.30 -21.40 31.83
N LYS B 317 -12.03 -22.58 32.38
CA LYS B 317 -13.04 -23.28 33.17
C LYS B 317 -13.32 -22.54 34.48
N LYS B 318 -12.25 -22.19 35.21
CA LYS B 318 -12.41 -21.59 36.53
C LYS B 318 -13.11 -20.24 36.45
N TYR B 319 -12.78 -19.44 35.45
CA TYR B 319 -13.33 -18.10 35.27
C TYR B 319 -13.98 -18.07 33.88
N PRO B 320 -15.19 -18.61 33.76
CA PRO B 320 -15.78 -18.76 32.42
C PRO B 320 -16.19 -17.44 31.80
N ASP B 321 -16.49 -16.43 32.61
CA ASP B 321 -16.94 -15.15 32.07
C ASP B 321 -15.82 -14.15 31.85
N PHE B 322 -14.79 -14.17 32.70
CA PHE B 322 -13.73 -13.18 32.60
C PHE B 322 -12.57 -13.62 31.70
N PHE B 323 -12.36 -14.92 31.55
CA PHE B 323 -11.25 -15.43 30.75
C PHE B 323 -11.78 -15.93 29.42
N LEU B 324 -11.12 -15.54 28.33
CA LEU B 324 -11.57 -15.84 26.98
C LEU B 324 -10.70 -16.86 26.27
N GLY B 325 -9.38 -16.66 26.22
CA GLY B 325 -8.52 -17.55 25.49
C GLY B 325 -7.04 -17.18 25.47
N TYR B 326 -6.34 -17.60 24.42
CA TYR B 326 -4.90 -17.46 24.35
C TYR B 326 -4.48 -16.87 23.01
N ASP B 327 -3.35 -16.17 23.02
CA ASP B 327 -2.83 -15.50 21.84
C ASP B 327 -1.31 -15.44 21.95
N LEU B 328 -0.64 -15.44 20.80
CA LEU B 328 0.81 -15.31 20.73
C LEU B 328 1.16 -13.99 20.06
N VAL B 329 1.98 -13.19 20.74
CA VAL B 329 2.30 -11.84 20.31
C VAL B 329 3.81 -11.70 20.12
N GLY B 330 4.26 -10.49 19.80
CA GLY B 330 5.64 -10.25 19.42
C GLY B 330 5.80 -10.18 17.92
N GLN B 331 6.91 -9.60 17.49
CA GLN B 331 7.13 -9.36 16.07
C GLN B 331 7.05 -10.66 15.29
N GLU B 332 6.31 -10.65 14.19
CA GLU B 332 6.01 -11.86 13.44
C GLU B 332 7.05 -12.21 12.38
N ASP B 333 7.74 -11.22 11.80
CA ASP B 333 8.65 -11.53 10.71
C ASP B 333 9.87 -12.32 11.18
N PRO B 334 10.70 -11.84 12.12
CA PRO B 334 11.91 -12.58 12.45
C PRO B 334 11.72 -13.71 13.45
N ASN B 335 10.53 -13.86 14.00
CA ASN B 335 10.26 -14.86 15.03
C ASN B 335 9.53 -16.06 14.43
N PHE B 336 9.05 -16.94 15.31
CA PHE B 336 8.49 -18.23 14.91
C PHE B 336 7.11 -18.06 14.30
N SER B 337 6.54 -19.19 13.88
CA SER B 337 5.23 -19.28 13.26
C SER B 337 4.24 -19.91 14.24
N LEU B 338 2.98 -19.96 13.82
CA LEU B 338 1.96 -20.65 14.60
C LEU B 338 2.01 -22.17 14.41
N LEU B 339 2.69 -22.64 13.37
CA LEU B 339 2.82 -24.08 13.15
C LEU B 339 3.94 -24.68 13.99
N HIS B 340 4.98 -23.90 14.29
CA HIS B 340 6.04 -24.33 15.20
C HIS B 340 5.51 -24.61 16.61
N TYR B 341 4.26 -24.25 16.90
CA TYR B 341 3.65 -24.47 18.20
C TYR B 341 2.39 -25.33 18.10
N LEU B 342 2.28 -26.16 17.06
CA LEU B 342 1.03 -26.90 16.85
C LEU B 342 0.74 -27.89 17.96
N ASP B 343 1.77 -28.58 18.45
CA ASP B 343 1.56 -29.57 19.50
C ASP B 343 0.88 -28.96 20.72
N ALA B 344 1.19 -27.71 21.03
CA ALA B 344 0.57 -27.05 22.17
C ALA B 344 -0.86 -26.62 21.85
N LEU B 345 -1.07 -25.98 20.69
CA LEU B 345 -2.36 -25.38 20.38
C LEU B 345 -3.42 -26.40 19.99
N LEU B 346 -3.05 -27.65 19.72
CA LEU B 346 -4.03 -28.71 19.52
C LEU B 346 -4.35 -29.47 20.80
N TYR B 347 -3.53 -29.33 21.85
CA TYR B 347 -3.76 -30.04 23.10
C TYR B 347 -5.19 -29.91 23.62
N PRO B 348 -5.86 -28.75 23.57
CA PRO B 348 -7.26 -28.71 24.03
C PRO B 348 -8.18 -29.67 23.27
N SER B 349 -7.87 -29.97 22.01
CA SER B 349 -8.74 -30.81 21.19
C SER B 349 -8.43 -32.29 21.33
N ILE B 350 -7.15 -32.67 21.44
CA ILE B 350 -6.80 -34.07 21.64
C ILE B 350 -7.00 -34.34 23.12
N GLN B 351 -8.24 -34.66 23.49
CA GLN B 351 -8.62 -34.86 24.89
C GLN B 351 -9.95 -35.59 24.93
N ASN B 352 -10.18 -36.32 26.02
CA ASN B 352 -11.41 -37.07 26.21
C ASN B 352 -12.06 -36.68 27.54
N PRO B 353 -13.21 -35.99 27.52
CA PRO B 353 -13.87 -35.42 26.34
C PRO B 353 -13.09 -34.22 25.81
N PRO B 354 -13.21 -33.90 24.52
CA PRO B 354 -12.48 -32.76 23.98
C PRO B 354 -12.93 -31.45 24.63
N TYR B 355 -11.98 -30.54 24.77
CA TYR B 355 -12.23 -29.20 25.27
C TYR B 355 -11.94 -28.18 24.18
N ARG B 356 -12.54 -27.00 24.30
CA ARG B 356 -12.35 -25.93 23.33
C ARG B 356 -11.77 -24.72 24.03
N LEU B 357 -10.47 -24.47 23.80
CA LEU B 357 -9.86 -23.23 24.26
C LEU B 357 -9.96 -22.21 23.13
N PRO B 358 -10.74 -21.14 23.28
CA PRO B 358 -10.84 -20.15 22.21
C PRO B 358 -9.50 -19.46 21.96
N TYR B 359 -9.29 -19.04 20.72
CA TYR B 359 -8.04 -18.45 20.29
C TYR B 359 -8.26 -17.09 19.64
N PHE B 360 -7.27 -16.22 19.77
CA PHE B 360 -7.36 -14.83 19.30
C PHE B 360 -6.07 -14.44 18.59
N PHE B 361 -5.62 -15.28 17.65
CA PHE B 361 -4.27 -15.20 17.12
C PHE B 361 -3.99 -13.92 16.35
N HIS B 362 -2.80 -13.35 16.57
CA HIS B 362 -2.18 -12.48 15.58
C HIS B 362 -1.84 -13.29 14.34
N ALA B 363 -1.92 -12.64 13.17
CA ALA B 363 -1.60 -13.36 11.94
C ALA B 363 -1.29 -12.38 10.81
N ALA B 364 -0.19 -12.66 10.09
CA ALA B 364 0.10 -12.02 8.80
C ALA B 364 0.28 -10.50 8.92
N GLU B 365 0.96 -10.08 9.99
CA GLU B 365 1.31 -8.67 10.16
C GLU B 365 2.59 -8.35 9.38
N THR B 366 2.50 -8.51 8.06
CA THR B 366 3.69 -8.49 7.23
C THR B 366 3.34 -8.06 5.80
N ASN B 367 4.37 -7.57 5.09
CA ASN B 367 4.27 -7.30 3.67
C ASN B 367 4.66 -8.51 2.82
N TRP B 368 5.22 -9.55 3.43
CA TRP B 368 5.67 -10.71 2.66
C TRP B 368 4.48 -11.49 2.12
N GLN B 369 4.71 -12.20 1.03
CA GLN B 369 3.67 -13.00 0.38
C GLN B 369 4.19 -14.41 0.17
N GLU B 370 3.35 -15.40 0.49
CA GLU B 370 3.70 -16.82 0.39
C GLU B 370 4.97 -17.13 1.17
N THR B 371 5.03 -16.63 2.40
CA THR B 371 6.09 -16.95 3.35
C THR B 371 5.49 -17.67 4.55
N GLU B 372 6.36 -18.08 5.48
CA GLU B 372 5.89 -18.72 6.71
C GLU B 372 5.03 -17.76 7.53
N VAL B 373 5.45 -16.50 7.61
CA VAL B 373 4.66 -15.49 8.33
C VAL B 373 3.30 -15.35 7.68
N ASP B 374 3.28 -15.22 6.36
CA ASP B 374 2.05 -14.96 5.62
C ASP B 374 1.04 -16.11 5.75
N TYR B 375 1.54 -17.34 5.88
CA TYR B 375 0.70 -18.54 5.90
C TYR B 375 0.15 -18.86 7.29
N ASN B 376 0.43 -18.03 8.29
CA ASN B 376 -0.13 -18.28 9.62
C ASN B 376 -1.65 -18.21 9.63
N LEU B 377 -2.24 -17.65 8.58
CA LEU B 377 -3.69 -17.55 8.49
C LEU B 377 -4.34 -18.92 8.32
N ALA B 378 -3.71 -19.81 7.55
CA ALA B 378 -4.25 -21.16 7.39
C ALA B 378 -4.29 -21.89 8.72
N ASP B 379 -3.24 -21.75 9.52
CA ASP B 379 -3.23 -22.34 10.85
C ASP B 379 -4.31 -21.71 11.74
N ALA B 380 -4.46 -20.39 11.67
CA ALA B 380 -5.44 -19.70 12.51
C ALA B 380 -6.87 -20.10 12.13
N LEU B 381 -7.14 -20.21 10.83
CA LEU B 381 -8.50 -20.52 10.39
C LEU B 381 -8.87 -21.96 10.71
N LEU B 382 -7.90 -22.87 10.70
CA LEU B 382 -8.19 -24.27 11.03
C LEU B 382 -8.29 -24.50 12.53
N LEU B 383 -7.64 -23.67 13.34
CA LEU B 383 -7.69 -23.79 14.78
C LEU B 383 -8.91 -23.10 15.39
N ASN B 384 -9.88 -22.71 14.57
CA ASN B 384 -11.13 -22.09 15.04
C ASN B 384 -10.86 -20.83 15.86
N THR B 385 -9.99 -19.96 15.34
CA THR B 385 -9.75 -18.70 15.99
C THR B 385 -11.02 -17.85 15.92
N THR B 386 -11.25 -17.07 16.97
CA THR B 386 -12.45 -16.25 17.05
C THR B 386 -12.27 -14.91 16.34
N ARG B 387 -11.07 -14.33 16.43
CA ARG B 387 -10.73 -13.12 15.69
C ARG B 387 -9.26 -13.19 15.31
N VAL B 388 -8.90 -12.42 14.29
CA VAL B 388 -7.54 -12.31 13.82
C VAL B 388 -7.03 -10.90 14.08
N GLY B 389 -5.76 -10.80 14.44
CA GLY B 389 -5.13 -9.50 14.68
C GLY B 389 -4.43 -9.00 13.43
N HIS B 390 -4.71 -7.74 13.09
CA HIS B 390 -4.13 -7.04 11.94
C HIS B 390 -4.56 -7.63 10.61
N GLY B 391 -4.06 -8.82 10.28
CA GLY B 391 -4.44 -9.47 9.04
C GLY B 391 -4.06 -8.68 7.80
N PHE B 392 -2.89 -8.05 7.83
CA PHE B 392 -2.50 -7.15 6.75
C PHE B 392 -2.39 -7.86 5.41
N ALA B 393 -2.07 -9.16 5.42
CA ALA B 393 -1.91 -9.92 4.20
C ALA B 393 -3.06 -10.89 3.96
N LEU B 394 -4.23 -10.64 4.56
CA LEU B 394 -5.38 -11.48 4.27
C LEU B 394 -5.95 -11.20 2.88
N ILE B 395 -5.85 -9.96 2.41
CA ILE B 395 -6.34 -9.61 1.08
C ILE B 395 -5.56 -10.32 -0.03
N LYS B 396 -4.34 -10.76 0.25
CA LYS B 396 -3.51 -11.44 -0.74
C LYS B 396 -3.87 -12.91 -0.89
N HIS B 397 -4.82 -13.44 -0.12
CA HIS B 397 -5.18 -14.85 -0.17
C HIS B 397 -6.66 -15.00 -0.45
N PRO B 398 -7.05 -15.34 -1.67
CA PRO B 398 -8.48 -15.43 -2.02
C PRO B 398 -9.28 -16.41 -1.17
N ARG B 399 -8.88 -17.69 -1.14
CA ARG B 399 -9.65 -18.69 -0.42
C ARG B 399 -9.63 -18.44 1.09
N PHE B 400 -8.49 -18.03 1.63
CA PHE B 400 -8.42 -17.76 3.07
C PHE B 400 -9.47 -16.73 3.48
N THR B 401 -9.67 -15.70 2.65
CA THR B 401 -10.63 -14.65 2.97
C THR B 401 -12.06 -15.20 3.05
N GLU B 402 -12.46 -15.98 2.03
CA GLU B 402 -13.83 -16.47 1.97
C GLU B 402 -14.18 -17.32 3.18
N LEU B 403 -13.30 -18.25 3.53
CA LEU B 403 -13.58 -19.17 4.62
C LEU B 403 -13.80 -18.42 5.93
N ALA B 404 -12.98 -17.40 6.19
CA ALA B 404 -13.16 -16.60 7.40
C ALA B 404 -14.50 -15.87 7.39
N LYS B 405 -14.97 -15.45 6.21
CA LYS B 405 -16.25 -14.76 6.12
C LYS B 405 -17.41 -15.69 6.46
N GLU B 406 -17.41 -16.91 5.90
CA GLU B 406 -18.45 -17.86 6.23
C GLU B 406 -18.44 -18.19 7.72
N ASN B 407 -17.25 -18.42 8.28
CA ASN B 407 -17.14 -18.84 9.66
C ASN B 407 -17.36 -17.70 10.65
N GLY B 408 -17.32 -16.46 10.19
CA GLY B 408 -17.57 -15.32 11.04
C GLY B 408 -16.35 -14.77 11.74
N VAL B 409 -15.15 -15.08 11.26
CA VAL B 409 -13.93 -14.59 11.89
C VAL B 409 -13.67 -13.17 11.43
N ALA B 410 -13.51 -12.25 12.38
CA ALA B 410 -13.34 -10.84 12.11
C ALA B 410 -11.89 -10.42 12.31
N VAL B 411 -11.52 -9.33 11.63
CA VAL B 411 -10.15 -8.81 11.65
C VAL B 411 -10.12 -7.53 12.48
N GLU B 412 -9.10 -7.42 13.34
CA GLU B 412 -8.89 -6.24 14.15
C GLU B 412 -7.92 -5.32 13.42
N VAL B 413 -8.43 -4.21 12.89
CA VAL B 413 -7.65 -3.29 12.07
C VAL B 413 -7.18 -2.14 12.95
N ASN B 414 -5.86 -1.94 13.00
CA ASN B 414 -5.24 -0.88 13.79
C ASN B 414 -4.44 0.03 12.87
N PRO B 415 -5.00 1.17 12.44
CA PRO B 415 -4.33 2.00 11.41
C PRO B 415 -3.00 2.61 11.85
N ILE B 416 -3.01 3.33 12.98
CA ILE B 416 -1.82 4.06 13.40
C ILE B 416 -0.68 3.09 13.75
N SER B 417 -1.01 1.92 14.30
CA SER B 417 0.00 0.90 14.56
C SER B 417 0.70 0.49 13.28
N ASN B 418 -0.08 0.21 12.23
CA ASN B 418 0.48 -0.28 10.98
C ASN B 418 1.31 0.75 10.26
N GLN B 419 1.14 2.04 10.57
CA GLN B 419 1.96 3.06 9.92
C GLN B 419 3.29 3.25 10.63
N ILE B 420 3.24 3.44 11.95
CA ILE B 420 4.45 3.71 12.71
C ILE B 420 5.39 2.52 12.67
N LEU B 421 4.85 1.30 12.81
CA LEU B 421 5.66 0.10 12.79
C LEU B 421 5.99 -0.39 11.38
N GLY B 422 5.79 0.45 10.36
CA GLY B 422 6.37 0.21 9.06
C GLY B 422 5.76 -0.88 8.20
N LEU B 423 4.43 -0.95 8.13
CA LEU B 423 3.78 -1.74 7.10
C LEU B 423 3.28 -0.88 5.95
N VAL B 424 3.07 0.41 6.17
CA VAL B 424 2.57 1.32 5.15
C VAL B 424 2.97 2.73 5.57
N ARG B 425 3.19 3.60 4.59
CA ARG B 425 3.55 4.98 4.85
C ARG B 425 2.38 5.93 4.66
N ASP B 426 1.74 5.87 3.50
CA ASP B 426 0.49 6.60 3.24
C ASP B 426 -0.66 5.66 3.64
N VAL B 427 -1.40 6.03 4.68
CA VAL B 427 -2.43 5.16 5.24
C VAL B 427 -3.48 4.78 4.21
N ARG B 428 -3.67 5.60 3.18
CA ARG B 428 -4.62 5.30 2.12
C ARG B 428 -4.24 4.05 1.33
N ASN B 429 -3.01 3.56 1.46
CA ASN B 429 -2.57 2.32 0.84
C ASN B 429 -2.75 1.12 1.76
N HIS B 430 -3.55 1.25 2.82
CA HIS B 430 -3.77 0.15 3.74
C HIS B 430 -4.38 -1.04 3.00
N ALA B 431 -3.96 -2.24 3.39
CA ALA B 431 -4.31 -3.43 2.64
C ALA B 431 -5.75 -3.92 2.89
N LEU B 432 -6.46 -3.33 3.84
CA LEU B 432 -7.80 -3.80 4.20
C LEU B 432 -8.91 -2.91 3.69
N VAL B 433 -8.58 -1.78 3.06
CA VAL B 433 -9.56 -0.87 2.48
C VAL B 433 -10.49 -1.61 1.52
N PRO B 434 -9.99 -2.47 0.63
CA PRO B 434 -10.92 -3.25 -0.21
C PRO B 434 -11.89 -4.10 0.58
N LEU B 435 -11.43 -4.76 1.65
CA LEU B 435 -12.30 -5.63 2.43
C LEU B 435 -13.41 -4.83 3.11
N ILE B 436 -13.07 -3.64 3.60
CA ILE B 436 -14.08 -2.77 4.21
C ILE B 436 -15.17 -2.44 3.21
N ALA B 437 -14.83 -2.32 1.92
CA ALA B 437 -15.77 -1.94 0.88
C ALA B 437 -16.68 -3.07 0.43
N ASP B 438 -16.52 -4.28 0.97
CA ASP B 438 -17.38 -5.40 0.63
C ASP B 438 -17.97 -6.02 1.89
N ASP B 439 -18.26 -5.19 2.89
CA ASP B 439 -18.83 -5.61 4.18
C ASP B 439 -18.13 -6.85 4.73
N TYR B 440 -16.82 -6.72 4.92
CA TYR B 440 -16.14 -7.80 5.61
C TYR B 440 -16.22 -7.59 7.12
N PRO B 441 -16.42 -8.66 7.90
CA PRO B 441 -16.47 -8.48 9.36
C PRO B 441 -15.15 -7.94 9.90
N ILE B 442 -15.16 -6.70 10.38
CA ILE B 442 -13.97 -6.04 10.88
C ILE B 442 -14.33 -5.20 12.10
N VAL B 443 -13.35 -5.02 12.98
CA VAL B 443 -13.44 -4.09 14.10
C VAL B 443 -12.18 -3.25 14.11
N ILE B 444 -12.24 -2.13 14.81
CA ILE B 444 -11.15 -1.16 14.86
C ILE B 444 -10.66 -1.04 16.30
N SER B 445 -9.35 -0.92 16.47
CA SER B 445 -8.75 -0.78 17.80
C SER B 445 -7.40 -0.09 17.65
N SER B 446 -6.83 0.29 18.79
CA SER B 446 -5.47 0.79 18.88
C SER B 446 -4.60 -0.29 19.51
N ASP B 447 -3.46 -0.58 18.88
CA ASP B 447 -2.60 -1.64 19.37
C ASP B 447 -1.95 -1.25 20.70
N ASP B 448 -1.15 -0.19 20.67
CA ASP B 448 -0.43 0.30 21.85
C ASP B 448 -0.57 1.82 21.90
N PRO B 449 -1.76 2.32 22.26
CA PRO B 449 -2.02 3.76 22.15
C PRO B 449 -1.07 4.63 22.96
N GLY B 450 -0.63 4.17 24.12
CA GLY B 450 0.27 4.97 24.94
C GLY B 450 1.71 5.00 24.47
N ALA B 451 2.13 3.99 23.69
CA ALA B 451 3.51 3.95 23.22
C ALA B 451 3.81 5.09 22.25
N TRP B 452 2.88 5.40 21.35
CA TRP B 452 3.06 6.48 20.40
C TRP B 452 2.13 7.66 20.65
N GLU B 453 1.82 7.92 21.93
CA GLU B 453 1.09 9.11 22.37
C GLU B 453 -0.19 9.35 21.55
N ALA B 454 -1.02 8.32 21.47
CA ALA B 454 -2.28 8.38 20.75
C ALA B 454 -3.43 8.20 21.72
N SER B 455 -4.62 8.54 21.24
CA SER B 455 -5.83 8.42 22.05
C SER B 455 -6.21 6.96 22.24
N PRO B 456 -7.07 6.67 23.24
CA PRO B 456 -7.54 5.31 23.43
C PRO B 456 -8.14 4.71 22.16
N LEU B 457 -9.18 5.35 21.61
CA LEU B 457 -9.78 4.87 20.37
C LEU B 457 -10.14 5.98 19.38
N SER B 458 -10.17 7.25 19.79
CA SER B 458 -10.58 8.31 18.88
C SER B 458 -9.57 8.52 17.75
N HIS B 459 -8.28 8.57 18.10
CA HIS B 459 -7.25 8.82 17.10
C HIS B 459 -7.19 7.72 16.05
N ASP B 460 -7.54 6.48 16.43
CA ASP B 460 -7.59 5.40 15.46
C ASP B 460 -8.91 5.36 14.69
N PHE B 461 -9.97 5.93 15.25
CA PHE B 461 -11.22 6.04 14.51
C PHE B 461 -11.14 7.14 13.46
N TYR B 462 -10.50 8.26 13.78
CA TYR B 462 -10.38 9.37 12.84
C TYR B 462 -9.59 8.97 11.61
N VAL B 463 -8.47 8.26 11.80
CA VAL B 463 -7.67 7.82 10.66
C VAL B 463 -8.48 6.89 9.76
N ALA B 464 -9.31 6.03 10.36
CA ALA B 464 -10.19 5.18 9.57
C ALA B 464 -11.20 6.02 8.79
N LEU B 465 -11.73 7.07 9.40
CA LEU B 465 -12.72 7.91 8.75
C LEU B 465 -12.13 8.66 7.55
N MET B 466 -10.87 9.09 7.65
CA MET B 466 -10.26 9.95 6.64
C MET B 466 -9.41 9.21 5.61
N ASP B 467 -8.96 7.99 5.92
CA ASP B 467 -8.02 7.27 5.06
C ASP B 467 -8.52 5.91 4.60
N LEU B 468 -9.43 5.27 5.34
CA LEU B 468 -9.80 3.88 5.06
C LEU B 468 -11.14 3.73 4.34
N CYS B 469 -11.94 4.80 4.24
CA CYS B 469 -13.19 4.75 3.50
C CYS B 469 -13.23 5.90 2.50
N GLY B 470 -14.28 5.90 1.69
CA GLY B 470 -14.38 6.84 0.59
C GLY B 470 -14.79 8.23 1.01
N ARG B 471 -14.82 9.12 0.02
CA ARG B 471 -15.20 10.52 0.23
C ARG B 471 -16.68 10.69 0.55
N ASP B 472 -17.51 9.67 0.32
CA ASP B 472 -18.96 9.79 0.50
C ASP B 472 -19.48 8.92 1.64
N THR B 473 -18.66 8.62 2.65
CA THR B 473 -19.01 7.71 3.73
C THR B 473 -18.44 8.23 5.03
N ALA B 474 -19.31 8.70 5.94
CA ALA B 474 -18.85 9.12 7.26
C ALA B 474 -19.49 8.35 8.41
N LEU B 475 -20.81 8.47 8.63
CA LEU B 475 -21.38 8.03 9.91
C LEU B 475 -21.95 6.62 9.87
N THR B 476 -22.44 6.16 8.72
CA THR B 476 -22.82 4.76 8.57
C THR B 476 -21.65 3.83 8.87
N PHE B 477 -20.46 4.19 8.39
CA PHE B 477 -19.27 3.39 8.63
C PHE B 477 -18.92 3.36 10.12
N LEU B 478 -18.95 4.53 10.78
CA LEU B 478 -18.58 4.60 12.19
C LEU B 478 -19.57 3.83 13.05
N LYS B 479 -20.86 3.96 12.77
CA LYS B 479 -21.89 3.28 13.56
C LYS B 479 -21.79 1.77 13.40
N GLN B 480 -21.51 1.29 12.18
CA GLN B 480 -21.35 -0.14 11.96
C GLN B 480 -20.16 -0.68 12.72
N LEU B 481 -19.07 0.10 12.80
CA LEU B 481 -17.91 -0.32 13.59
C LEU B 481 -18.28 -0.47 15.06
N ALA B 482 -19.05 0.48 15.60
CA ALA B 482 -19.47 0.39 17.00
C ALA B 482 -20.35 -0.82 17.23
N LEU B 483 -21.25 -1.12 16.29
CA LEU B 483 -22.10 -2.30 16.44
C LEU B 483 -21.33 -3.59 16.20
N ASN B 484 -20.29 -3.54 15.36
CA ASN B 484 -19.48 -4.73 15.10
C ASN B 484 -18.63 -5.10 16.29
N SER B 485 -18.21 -4.11 17.09
CA SER B 485 -17.43 -4.42 18.28
C SER B 485 -18.24 -5.18 19.33
N ILE B 486 -19.57 -5.13 19.25
CA ILE B 486 -20.43 -5.86 20.16
C ILE B 486 -20.86 -7.19 19.57
N ARG B 487 -21.17 -7.23 18.27
CA ARG B 487 -21.54 -8.48 17.64
C ARG B 487 -20.37 -9.44 17.58
N TYR B 488 -19.19 -8.94 17.18
CA TYR B 488 -17.99 -9.77 17.02
C TYR B 488 -17.12 -9.77 18.27
N SER B 489 -17.71 -9.58 19.44
CA SER B 489 -17.03 -9.69 20.71
C SER B 489 -17.06 -11.14 21.18
N ALA B 490 -16.52 -11.37 22.37
CA ALA B 490 -16.50 -12.70 22.96
C ALA B 490 -17.59 -12.88 24.01
N MET B 491 -18.54 -11.94 24.09
CA MET B 491 -19.63 -12.06 25.05
C MET B 491 -20.60 -13.15 24.63
N SER B 492 -21.32 -13.68 25.62
CA SER B 492 -22.39 -14.64 25.34
C SER B 492 -23.53 -13.93 24.63
N ASP B 493 -24.33 -14.72 23.91
CA ASP B 493 -25.50 -14.16 23.21
C ASP B 493 -26.42 -13.43 24.18
N THR B 494 -26.52 -13.92 25.42
CA THR B 494 -27.28 -13.20 26.44
C THR B 494 -26.64 -11.86 26.76
N GLU B 495 -25.32 -11.86 26.99
CA GLU B 495 -24.63 -10.63 27.36
C GLU B 495 -24.65 -9.62 26.23
N LYS B 496 -24.52 -10.08 24.98
CA LYS B 496 -24.49 -9.17 23.84
C LYS B 496 -25.77 -8.34 23.75
N VAL B 497 -26.91 -8.97 24.01
CA VAL B 497 -28.19 -8.25 23.96
C VAL B 497 -28.21 -7.13 24.99
N ALA B 498 -27.82 -7.43 26.23
CA ALA B 498 -27.79 -6.41 27.27
C ALA B 498 -26.67 -5.40 27.06
N ALA B 499 -25.65 -5.75 26.28
CA ALA B 499 -24.57 -4.81 25.99
C ALA B 499 -24.97 -3.84 24.87
N LYS B 500 -25.61 -4.36 23.83
CA LYS B 500 -26.15 -3.51 22.78
C LYS B 500 -27.08 -2.46 23.35
N ALA B 501 -27.90 -2.83 24.32
CA ALA B 501 -28.83 -1.88 24.93
C ALA B 501 -28.09 -0.74 25.63
N LYS B 502 -27.05 -1.07 26.41
CA LYS B 502 -26.29 -0.04 27.10
C LYS B 502 -25.64 0.92 26.11
N TRP B 503 -25.09 0.37 25.02
CA TRP B 503 -24.53 1.22 23.97
C TRP B 503 -25.63 2.06 23.30
N THR B 504 -26.78 1.43 23.03
CA THR B 504 -27.86 2.11 22.32
C THR B 504 -28.33 3.35 23.08
N THR B 505 -28.56 3.22 24.39
CA THR B 505 -29.00 4.35 25.19
C THR B 505 -27.96 5.47 25.17
N GLN B 506 -26.68 5.13 25.28
CA GLN B 506 -25.64 6.15 25.26
C GLN B 506 -25.46 6.74 23.87
N TRP B 507 -25.70 5.96 22.82
CA TRP B 507 -25.55 6.46 21.45
C TRP B 507 -26.60 7.51 21.13
N ASP B 508 -27.85 7.24 21.47
CA ASP B 508 -28.92 8.19 21.17
C ASP B 508 -28.76 9.49 21.95
N LYS B 509 -28.26 9.42 23.19
CA LYS B 509 -27.97 10.65 23.92
C LYS B 509 -26.84 11.41 23.27
N PHE B 510 -25.92 10.71 22.62
CA PHE B 510 -24.85 11.37 21.88
C PHE B 510 -25.39 12.09 20.65
N VAL B 511 -26.33 11.46 19.94
CA VAL B 511 -26.92 12.10 18.76
C VAL B 511 -27.70 13.34 19.18
N LYS B 512 -28.51 13.22 20.23
CA LYS B 512 -29.34 14.34 20.67
C LYS B 512 -28.49 15.54 21.09
N THR B 513 -27.48 15.29 21.93
CA THR B 513 -26.67 16.40 22.44
C THR B 513 -25.81 17.01 21.34
N SER B 514 -25.30 16.19 20.42
CA SER B 514 -24.47 16.72 19.34
C SER B 514 -25.30 17.56 18.37
N VAL B 515 -26.47 17.06 17.98
CA VAL B 515 -27.35 17.82 17.09
C VAL B 515 -27.84 19.08 17.78
N GLU B 516 -28.14 19.00 19.07
CA GLU B 516 -28.59 20.18 19.81
C GLU B 516 -27.53 21.26 19.84
N GLY B 517 -26.25 20.89 19.84
CA GLY B 517 -25.18 21.88 19.88
C GLY B 517 -24.73 22.42 18.55
N LEU B 518 -25.27 21.90 17.45
CA LEU B 518 -24.91 22.36 16.10
C LEU B 518 -26.11 22.90 15.34
N LYS B 519 -27.24 22.22 15.38
CA LYS B 519 -28.41 22.64 14.65
C LYS B 519 -29.03 23.89 15.28
N PRO B 520 -29.51 24.83 14.48
CA PRO B 520 -30.19 26.01 15.04
C PRO B 520 -31.49 25.64 15.74
N HIS B 521 -31.98 26.59 16.53
CA HIS B 521 -33.20 26.39 17.31
C HIS B 521 -34.43 26.69 16.48
C1 NAG C . -20.15 -0.42 -26.89
C2 NAG C . -21.00 0.84 -27.00
C3 NAG C . -22.45 0.63 -26.54
C4 NAG C . -23.03 -0.75 -26.90
C5 NAG C . -22.00 -1.84 -26.65
C6 NAG C . -22.48 -3.23 -27.01
C7 NAG C . -19.73 2.96 -26.61
C8 NAG C . -19.44 3.04 -28.09
N2 NAG C . -20.44 1.89 -26.20
O1 NAG C . -18.99 -0.25 -27.61
O3 NAG C . -23.23 1.67 -27.08
O4 NAG C . -24.17 -0.91 -26.10
O5 NAG C . -20.83 -1.53 -27.39
O6 NAG C . -21.49 -4.20 -26.74
O7 NAG C . -19.32 3.81 -25.84
C1 NAG D . 22.10 23.54 -10.52
C2 NAG D . 23.37 23.95 -11.28
C3 NAG D . 23.15 23.91 -12.78
C4 NAG D . 22.46 22.62 -13.20
C5 NAG D . 21.21 22.37 -12.34
C6 NAG D . 20.46 21.09 -12.67
C7 NAG D . 24.73 25.56 -9.98
C8 NAG D . 24.98 27.05 -9.84
N2 NAG D . 23.80 25.27 -10.91
O1 NAG D . 22.45 23.37 -9.19
O3 NAG D . 24.39 24.07 -13.44
O4 NAG D . 22.14 22.84 -14.55
O5 NAG D . 21.61 22.32 -11.00
O6 NAG D . 19.25 21.04 -11.97
O7 NAG D . 25.32 24.74 -9.32
C1 NAG E . 21.92 9.71 -35.47
C2 NAG E . 23.13 9.80 -36.43
C3 NAG E . 22.64 9.70 -37.87
C4 NAG E . 21.79 8.45 -38.04
C5 NAG E . 20.54 8.56 -37.17
C6 NAG E . 19.81 7.25 -37.02
C7 NAG E . 24.88 11.38 -35.60
C8 NAG E . 25.25 12.83 -35.44
N2 NAG E . 23.70 11.09 -36.21
O3 NAG E . 23.76 9.66 -38.70
O4 NAG E . 21.47 8.28 -39.41
O5 NAG E . 20.90 8.77 -35.81
O6 NAG E . 19.35 7.16 -35.69
O7 NAG E . 25.61 10.48 -35.21
ZN ZN F . 0.67 6.43 -19.15
C1 NAG G . -8.01 25.39 -2.64
C2 NAG G . -8.03 26.92 -2.59
C3 NAG G . -9.35 27.38 -1.89
C4 NAG G . -10.60 26.64 -2.40
C5 NAG G . -10.39 25.14 -2.25
C6 NAG G . -11.44 24.26 -2.91
C7 NAG G . -6.18 28.49 -1.99
C8 NAG G . -6.33 29.28 -3.25
N2 NAG G . -6.94 27.41 -1.80
O1 NAG G . -7.40 25.12 -3.84
O3 NAG G . -9.49 28.79 -2.09
O4 NAG G . -11.70 27.13 -1.69
O5 NAG G . -9.23 24.77 -2.98
O6 NAG G . -10.74 23.14 -3.41
O7 NAG G . -5.38 28.82 -1.12
C1 NAG H . 18.10 11.29 25.12
C2 NAG H . 19.64 11.36 25.24
C3 NAG H . 20.19 11.43 23.79
C4 NAG H . 19.39 10.75 22.66
C5 NAG H . 17.90 10.75 22.95
C6 NAG H . 17.02 9.90 22.07
C7 NAG H . 21.41 12.94 26.11
C8 NAG H . 21.61 14.24 26.84
N2 NAG H . 20.12 12.54 25.92
O3 NAG H . 21.49 10.93 23.78
O4 NAG H . 19.67 11.42 21.47
O5 NAG H . 17.81 10.25 24.25
O6 NAG H . 15.70 9.96 22.58
O7 NAG H . 22.41 12.32 25.73
C1 NAG I . -1.13 7.64 41.88
C2 NAG I . -1.13 8.59 43.07
C3 NAG I . -1.91 7.85 44.16
C4 NAG I . -3.22 7.25 43.64
C5 NAG I . -3.01 6.49 42.31
C6 NAG I . -4.25 5.91 41.68
C7 NAG I . 0.83 10.09 43.24
C8 NAG I . 2.23 10.21 43.80
N2 NAG I . 0.21 8.92 43.51
O1 NAG I . -0.82 8.62 41.01
O3 NAG I . -2.13 8.73 45.23
O4 NAG I . -3.70 6.39 44.64
O5 NAG I . -2.39 7.36 41.37
O6 NAG I . -3.85 5.06 40.65
O7 NAG I . 0.33 10.98 42.60
ZN ZN J . -1.02 -6.68 18.69
#